data_3L7E
#
_entry.id   3L7E
#
_cell.length_a   97.940
_cell.length_b   141.460
_cell.length_c   76.580
_cell.angle_alpha   90.00
_cell.angle_beta   117.46
_cell.angle_gamma   90.00
#
_symmetry.space_group_name_H-M   'C 1 2 1'
#
loop_
_entity.id
_entity.type
_entity.pdbx_description
1 polymer 'C836 LIGHT CHAIN'
2 polymer 'C836 HEAVY CHAIN'
3 non-polymer 'SULFATE ION'
4 non-polymer GLYCEROL
5 non-polymer 'ACETATE ION'
6 water water
#
loop_
_entity_poly.entity_id
_entity_poly.type
_entity_poly.pdbx_seq_one_letter_code
_entity_poly.pdbx_strand_id
1 'polypeptide(L)'
;DVQITQSPSYLAASPGETITLNCRASKSISKYLAWYQEKPGKTNKLLIYSGSTLQSGIPSRFSGSGSGTDFTLTISSLEP
EDFAMYFCQQHNEYPYTFGGGTKLEIKRTVAAPSVFIFPPSDEQLKSGTASVVCLLNNFYPREAKVQWKVDNALQSGNSQ
ESVTEQDSKDSTYSLSSTLTLSKADYEKHKVYACEVTHQGLSSPVTKSFNRGEC
;
L,A
2 'polypeptide(L)'
;QVTLKESGPGILQPSQTLSLTCSFSGFSLSTYGMGVGWIRQPSGKGLEWLAHIWWDDVKRYNPALKSRLTISKDTSGSQV
FLKIASVDTSDTATYYCARMGSDYDVWFDYWGQGTLVTVSAASTKGPSVFPLAPSSKSTSGGTAALGCLVKDYFPEPVTV
SWNSGALTSGVHTFPAVLQSSGLYSLSSVVTVPSSSLGTQTYICNVNHKPSNTKVDKKVEPKSCHHHHHH
;
H,B
#
# COMPACT_ATOMS: atom_id res chain seq x y z
N ASP A 1 30.98 -38.11 -0.20
CA ASP A 1 30.50 -36.85 -0.84
C ASP A 1 31.26 -35.61 -0.35
N VAL A 2 30.76 -34.43 -0.73
CA VAL A 2 31.43 -33.16 -0.46
C VAL A 2 30.67 -32.35 0.57
N GLN A 3 31.34 -32.00 1.68
CA GLN A 3 30.77 -31.15 2.73
C GLN A 3 31.14 -29.70 2.47
N ILE A 4 30.15 -28.83 2.49
CA ILE A 4 30.35 -27.41 2.22
C ILE A 4 30.17 -26.64 3.52
N THR A 5 31.19 -25.88 3.92
CA THR A 5 31.04 -25.03 5.11
C THR A 5 31.23 -23.56 4.76
N GLN A 6 30.45 -22.70 5.40
CA GLN A 6 30.55 -21.25 5.22
C GLN A 6 30.96 -20.54 6.49
N SER A 7 31.92 -19.64 6.36
CA SER A 7 32.50 -18.97 7.50
C SER A 7 32.70 -17.50 7.13
N PRO A 8 32.29 -16.59 8.03
CA PRO A 8 31.59 -16.86 9.28
C PRO A 8 30.14 -17.20 8.97
N SER A 9 29.42 -17.77 9.94
CA SER A 9 28.00 -18.03 9.72
C SER A 9 27.17 -16.75 9.83
N TYR A 10 27.78 -15.70 10.38
CA TYR A 10 27.10 -14.43 10.60
C TYR A 10 28.08 -13.27 10.44
N LEU A 11 27.62 -12.21 9.75
CA LEU A 11 28.45 -11.03 9.47
C LEU A 11 27.66 -9.73 9.56
N ALA A 12 28.28 -8.68 10.09
CA ALA A 12 27.66 -7.35 10.07
C ALA A 12 28.55 -6.37 9.34
N ALA A 13 27.96 -5.49 8.54
CA ALA A 13 28.72 -4.54 7.72
C ALA A 13 27.94 -3.28 7.28
N SER A 14 28.67 -2.17 7.16
CA SER A 14 28.10 -0.84 6.83
C SER A 14 27.85 -0.65 5.33
N PRO A 15 26.80 0.10 4.97
CA PRO A 15 26.61 0.47 3.56
C PRO A 15 27.83 1.23 3.03
N GLY A 16 28.19 1.02 1.78
CA GLY A 16 29.34 1.69 1.16
C GLY A 16 30.59 0.85 1.12
N GLU A 17 30.68 -0.10 2.06
CA GLU A 17 31.89 -0.87 2.28
C GLU A 17 31.88 -2.14 1.42
N THR A 18 33.00 -2.86 1.47
CA THR A 18 33.19 -4.12 0.76
C THR A 18 33.45 -5.22 1.80
N ILE A 19 32.68 -6.29 1.73
CA ILE A 19 32.93 -7.49 2.54
C ILE A 19 33.19 -8.71 1.65
N THR A 20 33.74 -9.77 2.26
CA THR A 20 34.00 -11.01 1.54
C THR A 20 33.55 -12.22 2.33
N LEU A 21 32.73 -13.07 1.70
CA LEU A 21 32.26 -14.29 2.36
C LEU A 21 33.11 -15.47 1.91
N ASN A 22 33.14 -16.52 2.72
CA ASN A 22 33.99 -17.66 2.41
C ASN A 22 33.23 -19.00 2.35
N CYS A 23 33.47 -19.76 1.28
CA CYS A 23 32.86 -21.08 1.10
C CYS A 23 33.94 -22.16 0.88
N ARG A 24 33.96 -23.15 1.78
CA ARG A 24 34.97 -24.20 1.78
C ARG A 24 34.41 -25.59 1.51
N ALA A 25 35.02 -26.30 0.54
CA ALA A 25 34.64 -27.68 0.23
C ALA A 25 35.58 -28.70 0.89
N SER A 26 35.01 -29.83 1.33
CA SER A 26 35.77 -30.84 2.08
C SER A 26 36.70 -31.67 1.20
N LYS A 27 36.29 -31.88 -0.05
CA LYS A 27 37.15 -32.43 -1.09
C LYS A 27 37.28 -31.36 -2.17
N SER A 28 38.09 -31.62 -3.19
CA SER A 28 38.19 -30.73 -4.34
C SER A 28 36.92 -30.73 -5.20
N ILE A 29 36.45 -29.54 -5.58
CA ILE A 29 35.30 -29.41 -6.48
C ILE A 29 35.71 -28.65 -7.74
N SER A 30 37.01 -28.71 -8.06
CA SER A 30 37.55 -28.00 -9.20
C SER A 30 37.11 -26.53 -9.07
N LYS A 31 36.34 -26.04 -10.05
CA LYS A 31 35.93 -24.63 -10.02
C LYS A 31 34.40 -24.47 -9.92
N TYR A 32 33.69 -25.57 -9.70
CA TYR A 32 32.24 -25.60 -9.87
C TYR A 32 31.45 -25.36 -8.59
N LEU A 33 31.40 -24.09 -8.20
CA LEU A 33 30.68 -23.65 -7.02
C LEU A 33 29.79 -22.47 -7.39
N ALA A 34 28.51 -22.54 -7.04
CA ALA A 34 27.58 -21.43 -7.28
C ALA A 34 27.19 -20.72 -5.97
N TRP A 35 26.81 -19.44 -6.08
CA TRP A 35 26.44 -18.58 -4.93
C TRP A 35 25.06 -18.04 -5.14
N TYR A 36 24.23 -18.13 -4.10
CA TYR A 36 22.84 -17.66 -4.15
C TYR A 36 22.54 -16.63 -3.06
N GLN A 37 21.54 -15.80 -3.33
CA GLN A 37 21.08 -14.77 -2.40
C GLN A 37 19.65 -15.11 -1.99
N GLU A 38 19.39 -15.09 -0.68
CA GLU A 38 18.06 -15.36 -0.15
C GLU A 38 17.52 -14.22 0.73
N LYS A 39 16.43 -13.61 0.27
CA LYS A 39 15.74 -12.53 0.99
C LYS A 39 14.30 -12.96 1.22
N PRO A 40 13.70 -12.54 2.36
CA PRO A 40 12.31 -12.88 2.68
C PRO A 40 11.30 -12.42 1.62
N GLY A 41 10.34 -13.28 1.30
CA GLY A 41 9.25 -12.95 0.38
C GLY A 41 9.69 -12.91 -1.06
N LYS A 42 10.97 -13.17 -1.29
CA LYS A 42 11.62 -13.10 -2.59
C LYS A 42 12.09 -14.50 -2.99
N THR A 43 12.00 -14.84 -4.28
CA THR A 43 12.58 -16.12 -4.76
C THR A 43 14.12 -16.04 -4.72
N ASN A 44 14.77 -17.18 -4.45
CA ASN A 44 16.23 -17.23 -4.41
C ASN A 44 16.88 -16.80 -5.72
N LYS A 45 18.00 -16.11 -5.60
CA LYS A 45 18.64 -15.48 -6.74
C LYS A 45 20.09 -15.96 -6.91
N LEU A 46 20.37 -16.55 -8.06
CA LEU A 46 21.73 -16.95 -8.43
C LEU A 46 22.60 -15.72 -8.73
N LEU A 47 23.79 -15.66 -8.13
CA LEU A 47 24.73 -14.54 -8.35
C LEU A 47 25.94 -14.95 -9.17
N ILE A 48 26.53 -16.09 -8.82
CA ILE A 48 27.76 -16.58 -9.44
C ILE A 48 27.66 -18.09 -9.61
N TYR A 49 28.06 -18.58 -10.79
CA TYR A 49 28.29 -20.00 -11.02
C TYR A 49 29.73 -20.26 -11.48
N SER A 50 30.17 -21.52 -11.42
CA SER A 50 31.52 -21.92 -11.87
C SER A 50 32.64 -21.10 -11.21
N GLY A 51 32.53 -20.92 -9.91
CA GLY A 51 33.54 -20.20 -9.15
C GLY A 51 33.50 -18.68 -9.31
N SER A 52 33.35 -18.19 -10.55
CA SER A 52 33.54 -16.76 -10.77
C SER A 52 32.80 -16.14 -11.94
N THR A 53 31.96 -16.90 -12.63
CA THR A 53 31.19 -16.29 -13.71
C THR A 53 29.96 -15.61 -13.13
N LEU A 54 29.80 -14.35 -13.52
CA LEU A 54 28.82 -13.44 -12.96
C LEU A 54 27.52 -13.54 -13.76
N GLN A 55 26.49 -14.11 -13.14
CA GLN A 55 25.17 -14.30 -13.79
C GLN A 55 24.59 -13.02 -14.39
N SER A 56 24.02 -13.16 -15.58
CA SER A 56 23.35 -12.07 -16.29
C SER A 56 22.35 -11.36 -15.38
N GLY A 57 22.38 -10.03 -15.40
CA GLY A 57 21.49 -9.20 -14.58
C GLY A 57 22.03 -8.83 -13.21
N ILE A 58 23.07 -9.53 -12.77
CA ILE A 58 23.65 -9.29 -11.43
C ILE A 58 24.74 -8.19 -11.53
N PRO A 59 24.61 -7.11 -10.73
CA PRO A 59 25.59 -6.01 -10.79
C PRO A 59 27.04 -6.43 -10.52
N SER A 60 27.97 -5.83 -11.26
CA SER A 60 29.42 -6.17 -11.23
C SER A 60 30.11 -5.99 -9.88
N ARG A 61 29.43 -5.38 -8.93
CA ARG A 61 29.97 -5.23 -7.59
C ARG A 61 29.96 -6.56 -6.82
N PHE A 62 29.29 -7.58 -7.39
CA PHE A 62 29.39 -8.96 -6.92
C PHE A 62 30.40 -9.68 -7.77
N SER A 63 31.40 -10.24 -7.13
CA SER A 63 32.36 -11.08 -7.82
C SER A 63 32.69 -12.25 -6.96
N GLY A 64 33.21 -13.30 -7.58
CA GLY A 64 33.62 -14.50 -6.89
C GLY A 64 35.01 -14.89 -7.34
N SER A 65 35.63 -15.77 -6.57
CA SER A 65 37.00 -16.13 -6.80
C SER A 65 37.29 -17.44 -6.08
N GLY A 66 38.36 -18.12 -6.46
CA GLY A 66 38.72 -19.35 -5.79
C GLY A 66 38.65 -20.56 -6.70
N SER A 67 39.31 -21.63 -6.26
CA SER A 67 39.30 -22.89 -6.98
C SER A 67 39.63 -24.05 -6.04
N GLY A 68 39.42 -25.28 -6.51
CA GLY A 68 39.80 -26.48 -5.77
C GLY A 68 39.02 -26.70 -4.48
N THR A 69 39.47 -26.07 -3.41
CA THR A 69 38.92 -26.37 -2.10
C THR A 69 38.35 -25.15 -1.37
N ASP A 70 38.72 -23.95 -1.81
CA ASP A 70 38.19 -22.78 -1.17
C ASP A 70 37.81 -21.64 -2.10
N PHE A 71 36.68 -21.00 -1.77
CA PHE A 71 36.05 -20.02 -2.63
C PHE A 71 35.61 -18.79 -1.83
N THR A 72 35.51 -17.65 -2.50
CA THR A 72 35.05 -16.43 -1.85
C THR A 72 34.05 -15.70 -2.72
N LEU A 73 33.17 -14.94 -2.07
CA LEU A 73 32.29 -14.01 -2.74
C LEU A 73 32.56 -12.66 -2.12
N THR A 74 32.85 -11.69 -2.98
CA THR A 74 33.14 -10.33 -2.56
C THR A 74 32.05 -9.38 -3.10
N ILE A 75 31.44 -8.61 -2.21
CA ILE A 75 30.40 -7.62 -2.57
C ILE A 75 30.93 -6.21 -2.28
N SER A 76 30.95 -5.36 -3.30
CA SER A 76 31.78 -4.16 -3.25
C SER A 76 31.09 -2.88 -2.73
N SER A 77 29.93 -2.49 -3.25
CA SER A 77 29.33 -1.24 -2.77
C SER A 77 28.11 -1.48 -1.92
N LEU A 78 28.31 -2.14 -0.79
CA LEU A 78 27.22 -2.60 0.06
C LEU A 78 26.06 -1.64 0.13
N GLU A 79 24.87 -2.16 -0.14
CA GLU A 79 23.65 -1.36 0.00
C GLU A 79 22.79 -1.93 1.11
N PRO A 80 21.81 -1.15 1.64
CA PRO A 80 20.89 -1.72 2.63
C PRO A 80 20.11 -2.88 2.03
N GLU A 81 20.07 -2.96 0.70
CA GLU A 81 19.32 -4.01 0.00
C GLU A 81 20.06 -5.33 0.00
N ASP A 82 21.36 -5.30 0.33
CA ASP A 82 22.21 -6.48 0.28
C ASP A 82 22.05 -7.41 1.48
N PHE A 83 21.28 -6.99 2.49
CA PHE A 83 20.91 -7.87 3.58
C PHE A 83 20.27 -9.11 2.99
N ALA A 84 20.75 -10.27 3.43
CA ALA A 84 20.29 -11.54 2.91
C ALA A 84 21.01 -12.66 3.60
N MET A 85 20.54 -13.87 3.36
CA MET A 85 21.32 -15.07 3.64
C MET A 85 22.03 -15.46 2.34
N TYR A 86 23.37 -15.56 2.39
CA TYR A 86 24.15 -15.98 1.23
C TYR A 86 24.64 -17.43 1.41
N PHE A 87 24.22 -18.30 0.50
CA PHE A 87 24.66 -19.69 0.51
C PHE A 87 25.30 -20.11 -0.81
N CYS A 88 26.22 -21.06 -0.70
CA CYS A 88 26.92 -21.60 -1.87
C CYS A 88 26.48 -23.05 -2.11
N GLN A 89 26.73 -23.53 -3.33
CA GLN A 89 26.47 -24.92 -3.71
C GLN A 89 27.53 -25.42 -4.68
N GLN A 90 28.06 -26.62 -4.43
CA GLN A 90 28.94 -27.24 -5.40
C GLN A 90 28.11 -27.94 -6.49
N HIS A 91 28.42 -27.66 -7.75
CA HIS A 91 27.73 -28.31 -8.86
C HIS A 91 28.68 -29.17 -9.71
N ASN A 92 29.79 -29.56 -9.08
CA ASN A 92 30.83 -30.39 -9.67
C ASN A 92 30.52 -31.87 -9.53
N GLU A 93 30.29 -32.30 -8.29
CA GLU A 93 30.14 -33.71 -7.97
C GLU A 93 28.76 -33.97 -7.37
N TYR A 94 28.03 -34.85 -8.04
CA TYR A 94 26.86 -35.54 -7.49
C TYR A 94 27.34 -36.28 -6.24
N PRO A 95 26.57 -36.23 -5.13
CA PRO A 95 25.35 -35.49 -4.85
C PRO A 95 25.64 -34.02 -4.61
N TYR A 96 24.72 -33.17 -5.06
CA TYR A 96 24.95 -31.73 -5.07
C TYR A 96 24.59 -31.14 -3.73
N THR A 97 25.54 -30.41 -3.16
CA THR A 97 25.49 -30.03 -1.76
C THR A 97 25.52 -28.53 -1.56
N PHE A 98 24.79 -28.06 -0.55
CA PHE A 98 24.73 -26.64 -0.21
C PHE A 98 25.49 -26.31 1.06
N GLY A 99 26.11 -25.13 1.08
CA GLY A 99 26.62 -24.59 2.34
C GLY A 99 25.51 -24.29 3.33
N GLY A 100 25.87 -24.08 4.60
CA GLY A 100 24.91 -23.73 5.63
C GLY A 100 24.44 -22.29 5.57
N GLY A 101 25.20 -21.44 4.88
CA GLY A 101 24.84 -20.03 4.71
C GLY A 101 25.59 -19.06 5.63
N THR A 102 25.70 -17.81 5.15
CA THR A 102 26.21 -16.70 5.93
C THR A 102 25.15 -15.61 5.92
N LYS A 103 24.70 -15.22 7.12
CA LYS A 103 23.72 -14.16 7.26
C LYS A 103 24.44 -12.82 7.34
N LEU A 104 24.08 -11.91 6.44
CA LEU A 104 24.69 -10.59 6.38
C LEU A 104 23.73 -9.53 6.94
N GLU A 105 24.11 -8.91 8.06
CA GLU A 105 23.36 -7.81 8.66
C GLU A 105 23.91 -6.49 8.14
N ILE A 106 23.05 -5.55 7.82
CA ILE A 106 23.51 -4.22 7.45
C ILE A 106 23.48 -3.28 8.67
N LYS A 107 24.58 -2.59 8.91
CA LYS A 107 24.70 -1.66 10.04
C LYS A 107 24.15 -0.29 9.66
N ARG A 108 23.55 0.38 10.63
CA ARG A 108 23.00 1.71 10.37
C ARG A 108 23.00 2.44 11.70
N THR A 109 22.44 3.64 11.73
CA THR A 109 22.37 4.45 12.95
C THR A 109 21.34 3.90 13.94
N VAL A 110 21.65 4.02 15.23
CA VAL A 110 20.71 3.73 16.29
C VAL A 110 19.37 4.45 16.00
N ALA A 111 18.26 3.76 16.28
CA ALA A 111 16.91 4.33 16.11
C ALA A 111 15.96 3.65 17.08
N ALA A 112 15.30 4.45 17.90
CA ALA A 112 14.38 3.94 18.91
C ALA A 112 13.08 3.45 18.25
N PRO A 113 12.39 2.49 18.88
CA PRO A 113 11.14 1.99 18.35
C PRO A 113 10.02 2.99 18.59
N SER A 114 9.09 3.12 17.64
CA SER A 114 7.79 3.72 17.96
C SER A 114 6.98 2.57 18.54
N VAL A 115 6.31 2.84 19.64
CA VAL A 115 5.61 1.78 20.33
C VAL A 115 4.10 2.04 20.39
N PHE A 116 3.35 0.98 20.05
CA PHE A 116 1.90 1.01 20.00
C PHE A 116 1.39 -0.20 20.75
N ILE A 117 0.35 0.01 21.57
CA ILE A 117 -0.30 -1.08 22.30
C ILE A 117 -1.73 -1.27 21.75
N PHE A 118 -2.20 -2.52 21.72
CA PHE A 118 -3.51 -2.85 21.15
C PHE A 118 -4.34 -3.72 22.07
N PRO A 119 -5.56 -3.25 22.39
CA PRO A 119 -6.45 -4.01 23.27
C PRO A 119 -6.98 -5.21 22.50
N PRO A 120 -7.47 -6.25 23.21
CA PRO A 120 -8.18 -7.30 22.48
C PRO A 120 -9.43 -6.73 21.83
N SER A 121 -9.79 -7.24 20.64
CA SER A 121 -11.05 -6.88 20.00
C SER A 121 -12.23 -7.50 20.77
N ASP A 122 -13.40 -6.90 20.64
CA ASP A 122 -14.61 -7.42 21.27
C ASP A 122 -14.98 -8.81 20.73
N GLU A 123 -14.84 -8.96 19.41
CA GLU A 123 -15.08 -10.23 18.74
C GLU A 123 -14.31 -11.36 19.43
N GLN A 124 -13.05 -11.10 19.83
CA GLN A 124 -12.22 -12.12 20.46
C GLN A 124 -12.71 -12.49 21.86
N LEU A 125 -13.15 -11.45 22.59
CA LEU A 125 -13.60 -11.63 23.98
C LEU A 125 -14.72 -12.65 24.11
N LYS A 126 -15.64 -12.61 23.14
CA LYS A 126 -16.74 -13.57 23.01
C LYS A 126 -16.36 -15.06 23.17
N SER A 127 -15.07 -15.38 23.11
CA SER A 127 -14.62 -16.79 23.18
C SER A 127 -13.63 -17.12 24.33
N GLY A 128 -13.58 -16.27 25.35
CA GLY A 128 -12.89 -16.62 26.57
C GLY A 128 -11.39 -16.40 26.57
N THR A 129 -10.88 -15.77 25.51
CA THR A 129 -9.47 -15.37 25.48
C THR A 129 -9.30 -13.88 25.14
N ALA A 130 -8.21 -13.31 25.65
CA ALA A 130 -7.85 -11.93 25.40
C ALA A 130 -6.40 -11.83 24.94
N SER A 131 -6.20 -11.37 23.71
CA SER A 131 -4.86 -11.04 23.25
C SER A 131 -4.63 -9.54 23.30
N VAL A 132 -3.55 -9.16 23.98
CA VAL A 132 -3.08 -7.77 24.05
C VAL A 132 -1.75 -7.71 23.29
N VAL A 133 -1.66 -6.80 22.33
CA VAL A 133 -0.49 -6.77 21.46
C VAL A 133 0.30 -5.47 21.60
N CYS A 134 1.63 -5.62 21.72
CA CYS A 134 2.54 -4.49 21.77
C CYS A 134 3.51 -4.47 20.60
N LEU A 135 3.46 -3.40 19.82
CA LEU A 135 4.28 -3.25 18.62
C LEU A 135 5.49 -2.35 18.87
N LEU A 136 6.67 -2.85 18.53
CA LEU A 136 7.87 -2.02 18.46
C LEU A 136 8.28 -1.87 16.99
N ASN A 137 8.11 -0.67 16.45
CA ASN A 137 8.27 -0.46 15.03
C ASN A 137 9.55 0.26 14.67
N ASN A 138 10.26 -0.27 13.67
CA ASN A 138 11.40 0.36 13.03
C ASN A 138 12.50 0.86 13.99
N PHE A 139 13.19 -0.08 14.64
CA PHE A 139 14.29 0.25 15.52
C PHE A 139 15.62 -0.39 15.12
N TYR A 140 16.73 0.17 15.62
CA TYR A 140 18.06 -0.45 15.43
C TYR A 140 18.97 -0.12 16.63
N PRO A 141 19.77 -1.10 17.12
CA PRO A 141 19.93 -2.52 16.72
C PRO A 141 18.81 -3.46 17.19
N ARG A 142 19.03 -4.77 17.03
CA ARG A 142 18.03 -5.78 17.36
C ARG A 142 17.66 -5.84 18.84
N GLU A 143 18.66 -5.63 19.71
CA GLU A 143 18.50 -5.78 21.16
C GLU A 143 17.46 -4.84 21.77
N ALA A 144 16.39 -5.42 22.31
CA ALA A 144 15.33 -4.68 22.99
C ALA A 144 14.59 -5.58 23.99
N LYS A 145 14.10 -4.99 25.07
CA LYS A 145 13.30 -5.74 26.04
C LYS A 145 11.90 -5.15 26.23
N VAL A 146 10.92 -6.03 26.29
CA VAL A 146 9.51 -5.67 26.43
C VAL A 146 8.97 -6.29 27.71
N GLN A 147 8.57 -5.43 28.63
CA GLN A 147 7.96 -5.85 29.89
C GLN A 147 6.45 -5.61 29.82
N TRP A 148 5.67 -6.60 30.23
CA TRP A 148 4.23 -6.44 30.36
C TRP A 148 3.84 -6.22 31.82
N LYS A 149 3.04 -5.19 32.08
CA LYS A 149 2.50 -4.93 33.43
C LYS A 149 0.97 -4.88 33.38
N VAL A 150 0.31 -5.63 34.26
CA VAL A 150 -1.14 -5.53 34.40
C VAL A 150 -1.47 -5.02 35.80
N ASP A 151 -2.11 -3.85 35.88
CA ASP A 151 -2.29 -3.11 37.14
C ASP A 151 -0.95 -3.07 37.92
N ASN A 152 0.10 -2.68 37.19
CA ASN A 152 1.46 -2.59 37.71
C ASN A 152 2.01 -3.86 38.36
N ALA A 153 1.66 -5.02 37.80
CA ALA A 153 2.27 -6.27 38.18
C ALA A 153 3.09 -6.82 37.00
N LEU A 154 4.40 -6.99 37.21
CA LEU A 154 5.27 -7.61 36.21
C LEU A 154 4.67 -8.95 35.80
N GLN A 155 4.43 -9.13 34.50
CA GLN A 155 3.98 -10.41 33.99
C GLN A 155 5.17 -11.33 33.76
N SER A 156 4.94 -12.64 33.86
CA SER A 156 5.97 -13.59 33.57
C SER A 156 5.35 -14.80 32.91
N GLY A 157 6.00 -15.30 31.86
CA GLY A 157 5.60 -16.55 31.22
C GLY A 157 4.33 -16.57 30.37
N ASN A 158 3.69 -15.42 30.18
CA ASN A 158 2.44 -15.37 29.44
C ASN A 158 2.46 -14.45 28.21
N SER A 159 3.66 -14.08 27.77
CA SER A 159 3.81 -13.32 26.52
C SER A 159 4.74 -14.02 25.52
N GLN A 160 4.56 -13.76 24.22
CA GLN A 160 5.47 -14.27 23.20
C GLN A 160 5.89 -13.17 22.23
N GLU A 161 7.18 -13.20 21.88
CA GLU A 161 7.77 -12.22 20.97
C GLU A 161 8.07 -12.82 19.61
N SER A 162 7.96 -11.97 18.59
CA SER A 162 8.32 -12.31 17.23
C SER A 162 8.98 -11.06 16.66
N VAL A 163 10.07 -11.25 15.89
CA VAL A 163 10.80 -10.15 15.26
C VAL A 163 10.91 -10.35 13.74
N THR A 164 10.75 -9.27 12.98
CA THR A 164 10.93 -9.33 11.52
C THR A 164 12.40 -9.42 11.18
N GLU A 165 12.72 -9.84 9.95
CA GLU A 165 14.07 -9.70 9.40
C GLU A 165 14.33 -8.22 9.11
N GLN A 166 15.60 -7.84 9.08
CA GLN A 166 16.02 -6.48 8.76
C GLN A 166 15.30 -5.97 7.51
N ASP A 167 14.80 -4.74 7.57
CA ASP A 167 14.14 -4.13 6.42
C ASP A 167 15.19 -3.87 5.35
N SER A 168 14.82 -4.11 4.09
CA SER A 168 15.77 -4.00 2.98
C SER A 168 16.02 -2.55 2.59
N LYS A 169 15.05 -1.68 2.86
CA LYS A 169 15.19 -0.27 2.50
C LYS A 169 15.90 0.52 3.59
N ASP A 170 15.44 0.45 4.84
CA ASP A 170 16.02 1.26 5.94
C ASP A 170 16.76 0.49 7.04
N SER A 171 16.88 -0.83 6.91
CA SER A 171 17.73 -1.65 7.79
C SER A 171 17.24 -1.79 9.22
N THR A 172 15.97 -1.48 9.47
CA THR A 172 15.44 -1.58 10.84
C THR A 172 14.72 -2.89 11.10
N TYR A 173 14.42 -3.12 12.39
CA TYR A 173 13.68 -4.29 12.83
C TYR A 173 12.32 -3.88 13.36
N SER A 174 11.41 -4.83 13.41
CA SER A 174 10.16 -4.64 14.09
C SER A 174 9.87 -5.86 14.96
N LEU A 175 9.18 -5.62 16.07
CA LEU A 175 8.91 -6.65 17.05
C LEU A 175 7.45 -6.65 17.49
N SER A 176 6.92 -7.84 17.73
CA SER A 176 5.55 -7.96 18.18
C SER A 176 5.55 -8.77 19.47
N SER A 177 4.99 -8.21 20.55
CA SER A 177 4.76 -8.99 21.77
C SER A 177 3.26 -9.21 22.02
N THR A 178 2.87 -10.47 22.26
CA THR A 178 1.48 -10.78 22.56
C THR A 178 1.34 -11.30 23.97
N LEU A 179 0.54 -10.59 24.77
CA LEU A 179 0.12 -11.09 26.08
C LEU A 179 -1.19 -11.85 25.89
N THR A 180 -1.24 -13.06 26.43
CA THR A 180 -2.45 -13.87 26.41
C THR A 180 -3.00 -14.07 27.83
N LEU A 181 -4.23 -13.60 28.03
CA LEU A 181 -5.01 -13.88 29.23
C LEU A 181 -6.36 -14.47 28.80
N SER A 182 -6.98 -15.23 29.71
CA SER A 182 -8.37 -15.62 29.53
C SER A 182 -9.25 -14.42 29.89
N LYS A 183 -10.47 -14.40 29.33
CA LYS A 183 -11.41 -13.30 29.54
C LYS A 183 -11.61 -12.99 31.02
N ALA A 184 -11.74 -14.06 31.82
CA ALA A 184 -11.92 -13.97 33.27
C ALA A 184 -10.93 -12.99 33.92
N ASP A 185 -9.62 -13.22 33.75
CA ASP A 185 -8.58 -12.38 34.36
C ASP A 185 -8.47 -11.00 33.71
N TYR A 186 -8.79 -10.94 32.42
CA TYR A 186 -8.71 -9.68 31.68
C TYR A 186 -9.70 -8.67 32.24
N GLU A 187 -10.96 -9.08 32.34
CA GLU A 187 -12.01 -8.21 32.88
C GLU A 187 -11.98 -8.03 34.40
N LYS A 188 -10.92 -8.55 35.03
CA LYS A 188 -10.64 -8.30 36.44
C LYS A 188 -9.69 -7.11 36.62
N HIS A 189 -8.89 -6.82 35.59
CA HIS A 189 -7.85 -5.79 35.68
C HIS A 189 -8.08 -4.61 34.72
N LYS A 190 -7.49 -3.46 35.05
CA LYS A 190 -7.86 -2.20 34.37
C LYS A 190 -6.79 -1.63 33.45
N VAL A 191 -5.57 -1.47 33.97
CA VAL A 191 -4.46 -0.85 33.26
C VAL A 191 -3.56 -1.90 32.61
N TYR A 192 -3.44 -1.82 31.29
CA TYR A 192 -2.57 -2.70 30.52
C TYR A 192 -1.42 -1.92 29.89
N ALA A 193 -0.20 -2.24 30.34
CA ALA A 193 0.99 -1.49 29.93
C ALA A 193 2.07 -2.40 29.36
N CYS A 194 2.72 -1.89 28.32
CA CYS A 194 3.85 -2.51 27.69
C CYS A 194 5.05 -1.58 27.87
N GLU A 195 6.11 -2.09 28.50
CA GLU A 195 7.28 -1.26 28.81
C GLU A 195 8.50 -1.64 27.98
N VAL A 196 9.03 -0.65 27.27
CA VAL A 196 10.08 -0.84 26.29
C VAL A 196 11.37 -0.12 26.67
N THR A 197 12.45 -0.91 26.81
CA THR A 197 13.79 -0.37 26.97
C THR A 197 14.61 -0.64 25.69
N HIS A 198 15.12 0.44 25.10
CA HIS A 198 15.98 0.36 23.93
C HIS A 198 17.12 1.39 24.05
N GLN A 199 18.21 1.12 23.33
CA GLN A 199 19.39 1.98 23.26
C GLN A 199 19.08 3.39 22.75
N GLY A 200 18.11 3.51 21.84
CA GLY A 200 17.74 4.81 21.27
C GLY A 200 16.81 5.62 22.14
N LEU A 201 16.58 5.13 23.36
CA LEU A 201 15.70 5.82 24.31
C LEU A 201 16.50 6.29 25.52
N SER A 202 16.27 7.53 25.96
CA SER A 202 17.01 8.04 27.12
C SER A 202 16.58 7.33 28.41
N SER A 203 15.31 6.92 28.47
CA SER A 203 14.80 6.04 29.53
C SER A 203 13.57 5.24 29.04
N PRO A 204 13.36 4.02 29.62
CA PRO A 204 12.20 3.15 29.32
C PRO A 204 10.90 3.91 28.95
N VAL A 205 10.23 3.44 27.89
CA VAL A 205 8.95 4.02 27.46
C VAL A 205 7.84 3.04 27.74
N THR A 206 6.75 3.53 28.33
CA THR A 206 5.58 2.72 28.64
C THR A 206 4.39 3.22 27.86
N LYS A 207 3.80 2.34 27.06
CA LYS A 207 2.53 2.64 26.41
C LYS A 207 1.45 1.80 27.09
N SER A 208 0.30 2.43 27.33
CA SER A 208 -0.74 1.78 28.10
C SER A 208 -2.13 2.20 27.64
N PHE A 209 -3.13 1.46 28.08
CA PHE A 209 -4.53 1.82 27.88
C PHE A 209 -5.32 1.28 29.07
N ASN A 210 -6.57 1.72 29.19
CA ASN A 210 -7.43 1.28 30.27
C ASN A 210 -8.63 0.52 29.70
N ARG A 211 -8.88 -0.68 30.24
CA ARG A 211 -9.92 -1.57 29.72
C ARG A 211 -11.30 -0.89 29.68
N GLY A 212 -11.97 -0.99 28.54
CA GLY A 212 -13.30 -0.41 28.35
C GLY A 212 -13.30 1.09 28.04
N GLU A 213 -12.22 1.57 27.42
CA GLU A 213 -12.07 2.99 27.05
C GLU A 213 -12.69 3.31 25.68
N GLN B 1 8.42 -13.08 -18.04
CA GLN B 1 9.64 -13.93 -18.18
C GLN B 1 9.56 -15.27 -17.41
N VAL B 2 10.67 -15.70 -16.79
CA VAL B 2 10.80 -17.06 -16.22
C VAL B 2 10.24 -17.21 -14.79
N THR B 3 9.19 -18.01 -14.62
CA THR B 3 8.67 -18.26 -13.27
C THR B 3 8.42 -19.74 -13.02
N LEU B 4 8.55 -20.14 -11.76
CA LEU B 4 8.15 -21.48 -11.33
C LEU B 4 7.30 -21.35 -10.09
N LYS B 5 6.43 -22.32 -9.89
CA LYS B 5 5.55 -22.34 -8.72
C LYS B 5 5.23 -23.77 -8.30
N GLU B 6 5.49 -24.05 -7.03
CA GLU B 6 5.26 -25.37 -6.45
C GLU B 6 3.85 -25.46 -5.92
N SER B 7 3.25 -26.64 -6.05
CA SER B 7 2.01 -26.93 -5.33
C SER B 7 2.07 -28.32 -4.68
N GLY B 8 1.47 -28.41 -3.50
CA GLY B 8 1.45 -29.62 -2.70
C GLY B 8 0.31 -29.57 -1.70
N PRO B 9 0.21 -30.59 -0.82
CA PRO B 9 -0.94 -30.76 0.06
C PRO B 9 -0.99 -29.82 1.26
N GLY B 10 0.13 -29.20 1.60
CA GLY B 10 0.19 -28.35 2.80
C GLY B 10 0.40 -29.17 4.07
N ILE B 11 -0.39 -30.24 4.21
CA ILE B 11 -0.30 -31.17 5.34
C ILE B 11 -0.68 -32.59 4.86
N LEU B 12 -0.05 -33.61 5.46
CA LEU B 12 -0.45 -35.00 5.26
C LEU B 12 -0.01 -35.93 6.40
N GLN B 13 -0.64 -37.09 6.50
CA GLN B 13 -0.41 -38.02 7.60
C GLN B 13 0.95 -38.69 7.43
N PRO B 14 1.61 -39.06 8.55
CA PRO B 14 2.80 -39.88 8.38
C PRO B 14 2.55 -41.14 7.52
N SER B 15 3.59 -41.54 6.80
CA SER B 15 3.63 -42.74 5.93
C SER B 15 2.77 -42.70 4.67
N GLN B 16 2.11 -41.57 4.41
CA GLN B 16 1.45 -41.33 3.13
C GLN B 16 2.43 -40.81 2.08
N THR B 17 2.01 -40.83 0.81
CA THR B 17 2.86 -40.37 -0.29
C THR B 17 2.70 -38.87 -0.52
N LEU B 18 3.81 -38.15 -0.44
CA LEU B 18 3.85 -36.74 -0.79
C LEU B 18 3.94 -36.58 -2.31
N SER B 19 2.98 -35.84 -2.85
CA SER B 19 2.85 -35.64 -4.28
C SER B 19 2.95 -34.14 -4.54
N LEU B 20 3.99 -33.73 -5.26
CA LEU B 20 4.28 -32.30 -5.49
C LEU B 20 4.34 -31.95 -6.97
N THR B 21 3.84 -30.77 -7.31
CA THR B 21 3.81 -30.33 -8.69
C THR B 21 4.53 -29.02 -8.86
N CYS B 22 5.28 -28.90 -9.95
CA CYS B 22 5.97 -27.68 -10.29
C CYS B 22 5.51 -27.20 -11.66
N SER B 23 4.90 -26.03 -11.68
CA SER B 23 4.40 -25.38 -12.87
C SER B 23 5.31 -24.22 -13.21
N PHE B 24 5.54 -23.98 -14.48
CA PHE B 24 6.46 -22.92 -14.86
C PHE B 24 6.07 -22.16 -16.12
N SER B 25 6.49 -20.89 -16.19
CA SER B 25 6.33 -20.03 -17.37
C SER B 25 7.67 -19.56 -17.89
N GLY B 26 7.73 -19.17 -19.16
CA GLY B 26 8.90 -18.52 -19.75
C GLY B 26 9.91 -19.49 -20.34
N PHE B 27 9.61 -20.79 -20.24
CA PHE B 27 10.42 -21.84 -20.83
C PHE B 27 9.65 -23.18 -20.91
N SER B 28 10.24 -24.15 -21.61
CA SER B 28 9.67 -25.47 -21.74
C SER B 28 10.76 -26.55 -21.61
N LEU B 29 10.40 -27.69 -21.03
CA LEU B 29 11.35 -28.78 -20.92
C LEU B 29 11.53 -29.59 -22.20
N SER B 30 10.87 -29.18 -23.29
CA SER B 30 11.11 -29.78 -24.60
C SER B 30 12.18 -29.00 -25.39
N THR B 31 12.64 -27.89 -24.83
CA THR B 31 13.77 -27.13 -25.36
C THR B 31 15.06 -27.78 -24.91
N TYR B 32 15.97 -28.04 -25.85
CA TYR B 32 17.25 -28.65 -25.53
C TYR B 32 17.93 -27.89 -24.40
N GLY B 33 18.44 -28.64 -23.42
CA GLY B 33 19.28 -28.08 -22.37
C GLY B 33 18.55 -27.76 -21.09
N MET B 34 17.23 -27.75 -21.15
CA MET B 34 16.42 -27.37 -19.98
C MET B 34 16.40 -28.46 -18.92
N GLY B 35 16.27 -28.03 -17.67
CA GLY B 35 16.08 -28.94 -16.56
C GLY B 35 15.30 -28.29 -15.44
N VAL B 36 14.65 -29.12 -14.63
CA VAL B 36 14.05 -28.69 -13.36
C VAL B 36 14.48 -29.63 -12.24
N GLY B 37 14.93 -29.04 -11.14
CA GLY B 37 15.28 -29.81 -9.94
C GLY B 37 14.41 -29.51 -8.72
N TRP B 38 14.36 -30.48 -7.81
CA TRP B 38 13.66 -30.30 -6.54
C TRP B 38 14.65 -30.21 -5.38
N ILE B 39 14.49 -29.17 -4.58
CA ILE B 39 15.33 -28.93 -3.40
C ILE B 39 14.41 -28.69 -2.19
N ARG B 40 14.83 -29.16 -1.01
CA ARG B 40 14.03 -28.90 0.20
C ARG B 40 14.84 -28.30 1.32
N GLN B 41 14.14 -27.61 2.23
CA GLN B 41 14.75 -27.04 3.42
C GLN B 41 13.91 -27.28 4.67
N PRO B 42 14.24 -28.33 5.46
CA PRO B 42 13.60 -28.51 6.77
C PRO B 42 13.77 -27.27 7.66
N SER B 43 12.83 -27.07 8.57
CA SER B 43 12.83 -25.86 9.41
C SER B 43 14.17 -25.68 10.11
N GLY B 44 14.77 -24.51 9.91
CA GLY B 44 16.05 -24.13 10.56
C GLY B 44 17.31 -24.83 10.07
N LYS B 45 17.16 -25.91 9.31
CA LYS B 45 18.28 -26.67 8.73
C LYS B 45 18.64 -26.17 7.32
N GLY B 46 19.66 -26.76 6.71
CA GLY B 46 20.15 -26.32 5.40
C GLY B 46 19.36 -26.90 4.24
N LEU B 47 19.57 -26.35 3.05
CA LEU B 47 18.96 -26.89 1.84
C LEU B 47 19.54 -28.24 1.44
N GLU B 48 18.72 -29.06 0.82
CA GLU B 48 19.08 -30.42 0.43
C GLU B 48 18.54 -30.70 -0.97
N TRP B 49 19.43 -31.04 -1.90
CA TRP B 49 19.00 -31.43 -3.25
C TRP B 49 18.35 -32.83 -3.18
N LEU B 50 17.25 -33.02 -3.92
CA LEU B 50 16.47 -34.25 -3.88
C LEU B 50 16.51 -35.01 -5.21
N ALA B 51 16.18 -34.31 -6.30
CA ALA B 51 16.15 -34.91 -7.63
C ALA B 51 16.14 -33.82 -8.69
N HIS B 52 16.52 -34.20 -9.92
CA HIS B 52 16.29 -33.36 -11.08
C HIS B 52 16.01 -34.20 -12.31
N ILE B 53 15.40 -33.57 -13.32
CA ILE B 53 15.07 -34.23 -14.57
C ILE B 53 15.40 -33.28 -15.72
N TRP B 54 15.88 -33.84 -16.83
CA TRP B 54 16.27 -33.07 -18.00
C TRP B 54 15.29 -33.23 -19.17
N TRP B 55 15.39 -32.33 -20.16
CA TRP B 55 14.61 -32.39 -21.40
C TRP B 55 14.54 -33.78 -22.04
N ASP B 56 15.62 -34.55 -21.92
CA ASP B 56 15.72 -35.88 -22.54
C ASP B 56 15.29 -37.00 -21.57
N ASP B 57 14.62 -36.62 -20.49
CA ASP B 57 14.01 -37.57 -19.57
C ASP B 57 15.02 -38.32 -18.69
N VAL B 58 16.24 -37.79 -18.58
CA VAL B 58 17.27 -38.36 -17.71
C VAL B 58 17.12 -37.79 -16.31
N LYS B 59 17.15 -38.66 -15.30
CA LYS B 59 16.84 -38.27 -13.94
C LYS B 59 17.99 -38.57 -12.99
N ARG B 60 18.11 -37.79 -11.93
CA ARG B 60 19.07 -38.05 -10.86
C ARG B 60 18.35 -37.94 -9.53
N TYR B 61 18.77 -38.75 -8.56
CA TYR B 61 18.12 -38.76 -7.27
C TYR B 61 19.16 -38.66 -6.16
N ASN B 62 18.79 -38.00 -5.07
CA ASN B 62 19.60 -38.05 -3.86
C ASN B 62 19.71 -39.52 -3.40
N PRO B 63 20.94 -40.09 -3.40
CA PRO B 63 21.05 -41.53 -3.19
C PRO B 63 20.61 -41.99 -1.80
N ALA B 64 20.69 -41.11 -0.80
CA ALA B 64 20.22 -41.47 0.52
C ALA B 64 18.68 -41.51 0.55
N LEU B 65 18.06 -40.93 -0.46
CA LEU B 65 16.60 -40.84 -0.52
C LEU B 65 16.04 -41.56 -1.75
N LYS B 66 16.93 -42.00 -2.64
CA LYS B 66 16.60 -42.54 -3.98
C LYS B 66 15.46 -43.55 -4.03
N SER B 67 15.48 -44.51 -3.11
CA SER B 67 14.48 -45.59 -3.12
C SER B 67 13.05 -45.07 -2.89
N ARG B 68 12.93 -43.85 -2.40
CA ARG B 68 11.65 -43.25 -2.08
C ARG B 68 11.18 -42.20 -3.09
N LEU B 69 12.10 -41.62 -3.85
CA LEU B 69 11.74 -40.52 -4.75
C LEU B 69 11.31 -41.01 -6.13
N THR B 70 10.36 -40.32 -6.75
CA THR B 70 10.08 -40.50 -8.18
C THR B 70 9.82 -39.15 -8.83
N ILE B 71 10.73 -38.72 -9.71
CA ILE B 71 10.55 -37.49 -10.48
C ILE B 71 10.09 -37.79 -11.91
N SER B 72 9.22 -36.93 -12.45
CA SER B 72 8.68 -37.05 -13.79
C SER B 72 8.28 -35.67 -14.36
N LYS B 73 8.01 -35.63 -15.66
CA LYS B 73 7.55 -34.41 -16.33
C LYS B 73 6.48 -34.80 -17.33
N ASP B 74 5.71 -33.83 -17.84
CA ASP B 74 4.73 -34.18 -18.86
C ASP B 74 5.31 -34.06 -20.28
N THR B 75 4.50 -34.45 -21.27
CA THR B 75 4.97 -34.59 -22.64
C THR B 75 5.36 -33.24 -23.26
N SER B 76 4.50 -32.23 -23.12
CA SER B 76 4.79 -30.88 -23.60
C SER B 76 5.96 -30.25 -22.81
N GLY B 77 6.15 -30.71 -21.58
CA GLY B 77 7.25 -30.22 -20.74
C GLY B 77 6.96 -28.84 -20.20
N SER B 78 5.75 -28.65 -19.69
CA SER B 78 5.36 -27.42 -19.01
C SER B 78 5.11 -27.65 -17.51
N GLN B 79 5.25 -28.91 -17.08
CA GLN B 79 5.14 -29.29 -15.66
C GLN B 79 6.14 -30.37 -15.24
N VAL B 80 6.54 -30.33 -13.97
CA VAL B 80 7.42 -31.34 -13.37
C VAL B 80 6.81 -31.82 -12.03
N PHE B 81 6.84 -33.12 -11.78
CA PHE B 81 6.22 -33.70 -10.58
C PHE B 81 7.21 -34.49 -9.75
N LEU B 82 6.95 -34.56 -8.45
CA LEU B 82 7.79 -35.32 -7.54
C LEU B 82 6.88 -36.08 -6.57
N LYS B 83 7.25 -37.33 -6.28
CA LYS B 83 6.57 -38.14 -5.27
C LYS B 83 7.58 -38.57 -4.23
N ILE B 84 7.29 -38.32 -2.95
CA ILE B 84 8.09 -38.92 -1.88
C ILE B 84 7.22 -39.92 -1.13
N ALA B 85 7.65 -41.17 -1.12
CA ALA B 85 6.86 -42.26 -0.53
C ALA B 85 6.99 -42.32 0.98
N SER B 86 5.93 -42.78 1.63
CA SER B 86 5.97 -43.15 3.05
C SER B 86 6.67 -42.07 3.89
N VAL B 87 5.99 -40.93 4.03
CA VAL B 87 6.58 -39.76 4.71
C VAL B 87 6.57 -39.89 6.23
N ASP B 88 7.57 -39.28 6.87
CA ASP B 88 7.61 -39.12 8.31
C ASP B 88 7.87 -37.66 8.60
N THR B 89 8.06 -37.31 9.87
CA THR B 89 8.15 -35.89 10.24
C THR B 89 9.43 -35.23 9.76
N SER B 90 10.41 -36.03 9.34
CA SER B 90 11.65 -35.47 8.81
C SER B 90 11.51 -35.09 7.33
N ASP B 91 10.32 -35.30 6.77
CA ASP B 91 10.03 -34.76 5.47
C ASP B 91 9.30 -33.40 5.56
N THR B 92 8.90 -33.01 6.77
CA THR B 92 8.43 -31.65 7.04
C THR B 92 9.51 -30.65 6.62
N ALA B 93 9.18 -29.79 5.67
CA ALA B 93 10.15 -28.87 5.07
C ALA B 93 9.44 -27.96 4.09
N THR B 94 10.14 -26.94 3.62
CA THR B 94 9.74 -26.14 2.48
C THR B 94 10.34 -26.79 1.23
N TYR B 95 9.49 -27.08 0.24
CA TYR B 95 9.95 -27.68 -1.01
C TYR B 95 10.01 -26.65 -2.13
N TYR B 96 11.15 -26.59 -2.79
CA TYR B 96 11.37 -25.68 -3.92
C TYR B 96 11.57 -26.52 -5.18
N CYS B 97 11.09 -25.99 -6.30
CA CYS B 97 11.60 -26.41 -7.59
C CYS B 97 12.32 -25.22 -8.21
N ALA B 98 13.29 -25.55 -9.07
CA ALA B 98 14.18 -24.56 -9.63
C ALA B 98 14.64 -25.03 -10.98
N ARG B 99 14.83 -24.07 -11.89
CA ARG B 99 15.31 -24.38 -13.24
C ARG B 99 16.82 -24.44 -13.27
N MET B 100 17.38 -25.39 -14.01
CA MET B 100 18.83 -25.47 -14.16
C MET B 100 19.27 -24.56 -15.29
N GLY B 101 20.23 -23.68 -15.00
CA GLY B 101 20.67 -22.68 -15.96
C GLY B 101 21.63 -23.12 -17.06
N SER B 102 21.76 -24.43 -17.24
CA SER B 102 22.71 -24.99 -18.20
C SER B 102 22.24 -26.37 -18.65
N ASP B 103 22.81 -26.87 -19.74
CA ASP B 103 22.43 -28.18 -20.26
C ASP B 103 23.01 -29.33 -19.46
N TYR B 104 24.11 -29.10 -18.73
CA TYR B 104 24.75 -30.17 -17.97
C TYR B 104 25.18 -29.84 -16.54
N ASP B 105 25.35 -28.54 -16.24
CA ASP B 105 25.73 -28.12 -14.90
C ASP B 105 24.50 -27.96 -14.00
N VAL B 106 24.60 -28.44 -12.77
CA VAL B 106 23.46 -28.49 -11.86
C VAL B 106 23.43 -27.29 -10.90
N TRP B 107 23.09 -26.14 -11.47
CA TRP B 107 22.96 -24.87 -10.75
C TRP B 107 21.64 -24.25 -11.18
N PHE B 108 20.98 -23.54 -10.27
CA PHE B 108 19.58 -23.19 -10.44
C PHE B 108 19.36 -21.71 -10.65
N ASP B 109 19.16 -21.30 -11.91
CA ASP B 109 19.09 -19.87 -12.23
C ASP B 109 17.79 -19.19 -11.79
N TYR B 110 16.70 -19.97 -11.70
CA TYR B 110 15.43 -19.45 -11.21
C TYR B 110 14.77 -20.40 -10.22
N TRP B 111 14.13 -19.83 -9.19
CA TRP B 111 13.49 -20.62 -8.13
C TRP B 111 12.01 -20.27 -7.96
N GLY B 112 11.21 -21.25 -7.54
CA GLY B 112 9.87 -20.94 -7.07
C GLY B 112 10.02 -20.45 -5.65
N GLN B 113 8.99 -19.83 -5.09
CA GLN B 113 9.10 -19.38 -3.71
C GLN B 113 8.96 -20.50 -2.67
N GLY B 114 8.72 -21.73 -3.13
CA GLY B 114 8.62 -22.88 -2.25
C GLY B 114 7.24 -23.05 -1.67
N THR B 115 6.89 -24.30 -1.39
CA THR B 115 5.64 -24.61 -0.71
C THR B 115 5.99 -25.38 0.55
N LEU B 116 5.28 -25.07 1.64
CA LEU B 116 5.53 -25.76 2.91
C LEU B 116 4.70 -27.02 2.98
N VAL B 117 5.35 -28.12 3.36
CA VAL B 117 4.69 -29.37 3.67
C VAL B 117 4.95 -29.76 5.13
N THR B 118 3.88 -30.06 5.85
CA THR B 118 3.97 -30.50 7.24
C THR B 118 3.38 -31.89 7.37
N VAL B 119 4.21 -32.82 7.83
CA VAL B 119 3.77 -34.17 8.10
C VAL B 119 3.33 -34.21 9.56
N SER B 120 2.03 -34.43 9.76
CA SER B 120 1.41 -34.34 11.08
C SER B 120 0.22 -35.27 11.18
N ALA B 121 0.00 -35.81 12.37
CA ALA B 121 -1.23 -36.57 12.65
C ALA B 121 -2.30 -35.61 13.17
N ALA B 122 -1.93 -34.36 13.39
CA ALA B 122 -2.88 -33.42 13.96
C ALA B 122 -3.82 -32.95 12.85
N SER B 123 -4.96 -32.41 13.22
CA SER B 123 -5.86 -31.98 12.19
C SER B 123 -5.79 -30.47 11.98
N THR B 124 -6.23 -30.07 10.79
CA THR B 124 -6.14 -28.72 10.29
C THR B 124 -7.09 -27.80 11.06
N LYS B 125 -6.62 -26.63 11.49
CA LYS B 125 -7.53 -25.63 12.08
C LYS B 125 -7.37 -24.27 11.42
N GLY B 126 -8.51 -23.68 11.06
CA GLY B 126 -8.54 -22.40 10.37
C GLY B 126 -8.43 -21.27 11.39
N PRO B 127 -7.76 -20.17 11.01
CA PRO B 127 -7.54 -19.04 11.91
C PRO B 127 -8.80 -18.24 12.16
N SER B 128 -8.81 -17.47 13.24
CA SER B 128 -9.75 -16.37 13.44
C SER B 128 -8.93 -15.11 13.21
N VAL B 129 -9.52 -14.15 12.50
CA VAL B 129 -8.87 -12.87 12.22
C VAL B 129 -9.48 -11.77 13.13
N PHE B 130 -8.65 -11.16 13.95
CA PHE B 130 -9.10 -10.11 14.90
C PHE B 130 -8.47 -8.77 14.57
N PRO B 131 -9.31 -7.70 14.53
CA PRO B 131 -8.82 -6.35 14.23
C PRO B 131 -7.82 -5.88 15.27
N LEU B 132 -6.76 -5.22 14.82
CA LEU B 132 -5.91 -4.40 15.69
C LEU B 132 -6.26 -2.94 15.37
N ALA B 133 -7.06 -2.34 16.25
CA ALA B 133 -7.68 -1.04 15.99
C ALA B 133 -6.74 0.13 16.27
N PRO B 134 -6.67 1.10 15.34
CA PRO B 134 -5.87 2.30 15.52
C PRO B 134 -6.35 3.11 16.72
N SER B 135 -5.42 3.57 17.56
CA SER B 135 -5.79 4.27 18.80
C SER B 135 -5.82 5.79 18.61
N SER B 136 -4.81 6.32 17.92
CA SER B 136 -4.80 7.71 17.44
C SER B 136 -3.77 7.91 16.35
N GLY B 142 0.96 12.41 13.71
CA GLY B 142 0.73 12.24 12.28
C GLY B 142 0.44 10.80 11.89
N THR B 143 1.25 9.86 12.40
CA THR B 143 1.20 8.45 11.94
C THR B 143 0.60 7.45 12.94
N ALA B 144 -0.38 6.68 12.46
CA ALA B 144 -1.06 5.64 13.27
C ALA B 144 -0.78 4.20 12.82
N ALA B 145 -0.72 3.28 13.79
CA ALA B 145 -0.57 1.86 13.50
C ALA B 145 -1.91 1.14 13.61
N LEU B 146 -2.15 0.22 12.69
CA LEU B 146 -3.32 -0.66 12.71
C LEU B 146 -2.90 -2.05 12.22
N GLY B 147 -3.82 -3.01 12.25
CA GLY B 147 -3.49 -4.33 11.77
C GLY B 147 -4.45 -5.47 12.05
N CYS B 148 -3.93 -6.68 11.88
CA CYS B 148 -4.70 -7.90 12.02
C CYS B 148 -3.97 -8.94 12.86
N LEU B 149 -4.70 -9.55 13.79
CA LEU B 149 -4.17 -10.68 14.54
C LEU B 149 -4.82 -11.95 14.00
N VAL B 150 -3.97 -12.88 13.57
CA VAL B 150 -4.40 -14.10 12.89
C VAL B 150 -4.08 -15.25 13.82
N LYS B 151 -5.11 -15.77 14.48
CA LYS B 151 -4.91 -16.55 15.69
C LYS B 151 -5.39 -17.99 15.57
N ASP B 152 -4.64 -18.90 16.20
CA ASP B 152 -5.05 -20.29 16.39
C ASP B 152 -5.25 -21.09 15.11
N TYR B 153 -4.25 -21.09 14.24
CA TYR B 153 -4.32 -21.92 13.05
C TYR B 153 -3.26 -23.01 13.02
N PHE B 154 -3.54 -24.06 12.26
CA PHE B 154 -2.58 -25.14 12.00
C PHE B 154 -2.89 -25.81 10.67
N PRO B 155 -1.86 -26.10 9.86
CA PRO B 155 -0.45 -25.77 10.07
C PRO B 155 -0.07 -24.43 9.44
N GLU B 156 1.22 -24.12 9.47
CA GLU B 156 1.77 -23.03 8.65
C GLU B 156 1.58 -23.36 7.16
N PRO B 157 1.60 -22.32 6.30
CA PRO B 157 1.63 -20.91 6.59
C PRO B 157 0.28 -20.19 6.48
N VAL B 158 0.30 -18.92 6.85
CA VAL B 158 -0.78 -18.00 6.55
C VAL B 158 -0.21 -16.84 5.71
N THR B 159 -0.94 -16.40 4.69
CA THR B 159 -0.53 -15.19 3.94
C THR B 159 -1.45 -14.03 4.26
N VAL B 160 -0.86 -12.85 4.42
CA VAL B 160 -1.60 -11.64 4.74
C VAL B 160 -1.23 -10.56 3.72
N SER B 161 -2.24 -10.02 3.04
CA SER B 161 -2.04 -8.84 2.20
C SER B 161 -2.96 -7.70 2.70
N TRP B 162 -2.64 -6.47 2.30
CA TRP B 162 -3.44 -5.29 2.68
C TRP B 162 -4.07 -4.67 1.46
N ASN B 163 -5.39 -4.44 1.54
CA ASN B 163 -6.21 -3.94 0.42
C ASN B 163 -5.92 -4.63 -0.90
N SER B 164 -6.01 -5.97 -0.89
CA SER B 164 -5.75 -6.81 -2.07
C SER B 164 -4.40 -6.48 -2.69
N GLY B 165 -3.41 -6.20 -1.85
CA GLY B 165 -2.05 -5.97 -2.35
C GLY B 165 -1.78 -4.53 -2.77
N ALA B 166 -2.78 -3.67 -2.69
CA ALA B 166 -2.64 -2.28 -3.11
C ALA B 166 -1.93 -1.45 -2.04
N LEU B 167 -1.78 -2.02 -0.85
CA LEU B 167 -1.04 -1.38 0.24
C LEU B 167 0.11 -2.26 0.71
N THR B 168 1.34 -1.84 0.38
CA THR B 168 2.56 -2.59 0.73
C THR B 168 3.56 -1.80 1.59
N SER B 169 3.60 -0.47 1.43
CA SER B 169 4.51 0.36 2.24
C SER B 169 4.10 0.43 3.71
N GLY B 170 5.09 0.26 4.59
CA GLY B 170 4.87 0.29 6.04
C GLY B 170 4.32 -0.99 6.67
N VAL B 171 4.20 -2.04 5.88
CA VAL B 171 3.62 -3.30 6.35
C VAL B 171 4.69 -4.13 7.04
N HIS B 172 4.37 -4.70 8.20
CA HIS B 172 5.16 -5.76 8.78
C HIS B 172 4.24 -6.90 9.12
N THR B 173 4.46 -8.03 8.46
CA THR B 173 3.81 -9.28 8.82
C THR B 173 4.86 -10.12 9.53
N PHE B 174 4.61 -10.40 10.81
CA PHE B 174 5.61 -10.98 11.70
C PHE B 174 5.74 -12.48 11.54
N PRO B 175 6.92 -13.05 11.80
CA PRO B 175 7.00 -14.51 11.84
C PRO B 175 5.97 -15.08 12.80
N ALA B 176 5.31 -16.15 12.38
CA ALA B 176 4.30 -16.81 13.20
C ALA B 176 4.94 -17.38 14.44
N VAL B 177 4.17 -17.43 15.52
CA VAL B 177 4.63 -18.02 16.77
C VAL B 177 3.81 -19.25 17.14
N LEU B 178 4.50 -20.33 17.53
CA LEU B 178 3.85 -21.57 17.92
C LEU B 178 3.43 -21.47 19.38
N GLN B 179 2.13 -21.31 19.63
CA GLN B 179 1.63 -21.15 20.98
C GLN B 179 1.66 -22.49 21.69
N SER B 180 1.72 -22.45 23.02
CA SER B 180 1.75 -23.68 23.85
C SER B 180 0.61 -24.65 23.55
N SER B 181 -0.46 -24.16 22.94
CA SER B 181 -1.57 -25.01 22.49
C SER B 181 -1.21 -25.84 21.27
N GLY B 182 -0.12 -25.49 20.59
CA GLY B 182 0.32 -26.16 19.37
C GLY B 182 -0.28 -25.58 18.11
N LEU B 183 -1.01 -24.47 18.26
CA LEU B 183 -1.55 -23.69 17.14
C LEU B 183 -0.74 -22.43 16.97
N TYR B 184 -0.61 -21.96 15.74
CA TYR B 184 0.16 -20.77 15.47
C TYR B 184 -0.66 -19.49 15.59
N SER B 185 0.03 -18.38 15.83
CA SER B 185 -0.60 -17.08 15.91
C SER B 185 0.34 -16.03 15.32
N LEU B 186 -0.16 -15.17 14.45
CA LEU B 186 0.67 -14.05 13.97
C LEU B 186 -0.05 -12.70 13.91
N SER B 187 0.73 -11.64 13.77
CA SER B 187 0.22 -10.30 13.60
C SER B 187 0.72 -9.69 12.32
N SER B 188 -0.19 -8.99 11.64
CA SER B 188 0.21 -8.12 10.54
C SER B 188 -0.22 -6.70 10.83
N VAL B 189 0.70 -5.79 10.50
CA VAL B 189 0.67 -4.46 11.03
C VAL B 189 1.09 -3.47 9.93
N VAL B 190 0.40 -2.34 9.87
CA VAL B 190 0.75 -1.30 8.91
C VAL B 190 0.68 0.08 9.56
N THR B 191 1.64 0.94 9.25
CA THR B 191 1.59 2.34 9.67
C THR B 191 1.12 3.21 8.50
N VAL B 192 0.11 4.03 8.77
CA VAL B 192 -0.47 4.96 7.80
C VAL B 192 -0.62 6.35 8.42
N PRO B 193 -0.77 7.40 7.59
CA PRO B 193 -1.10 8.71 8.14
C PRO B 193 -2.51 8.76 8.76
N SER B 194 -2.62 9.39 9.93
CA SER B 194 -3.89 9.52 10.67
C SER B 194 -5.04 10.19 9.89
N SER B 195 -4.70 11.09 8.98
CA SER B 195 -5.73 11.80 8.20
C SER B 195 -6.47 10.86 7.24
N SER B 196 -5.79 9.83 6.76
CA SER B 196 -6.37 8.88 5.80
C SER B 196 -7.36 7.92 6.46
N LEU B 197 -7.45 7.99 7.79
CA LEU B 197 -8.41 7.19 8.55
C LEU B 197 -9.89 7.48 8.25
N GLY B 198 -10.25 8.75 8.02
CA GLY B 198 -11.64 9.11 7.73
C GLY B 198 -12.01 8.98 6.26
N THR B 199 -11.01 8.72 5.43
CA THR B 199 -11.14 8.62 3.98
C THR B 199 -10.93 7.18 3.53
N GLN B 200 -9.83 6.59 3.98
CA GLN B 200 -9.39 5.29 3.49
C GLN B 200 -9.89 4.13 4.35
N THR B 201 -10.45 3.11 3.70
CA THR B 201 -10.70 1.84 4.39
C THR B 201 -9.47 0.94 4.28
N TYR B 202 -9.21 0.22 5.37
CA TYR B 202 -8.11 -0.73 5.40
C TYR B 202 -8.67 -2.11 5.65
N ILE B 203 -8.36 -3.02 4.73
CA ILE B 203 -8.82 -4.40 4.81
C ILE B 203 -7.59 -5.30 4.76
N CYS B 204 -7.48 -6.22 5.72
CA CYS B 204 -6.44 -7.25 5.66
C CYS B 204 -7.00 -8.51 5.01
N ASN B 205 -6.23 -9.08 4.08
CA ASN B 205 -6.65 -10.29 3.38
C ASN B 205 -5.84 -11.48 3.87
N VAL B 206 -6.53 -12.41 4.50
CA VAL B 206 -5.91 -13.58 5.11
C VAL B 206 -6.28 -14.84 4.32
N ASN B 207 -5.26 -15.57 3.89
CA ASN B 207 -5.40 -16.88 3.31
C ASN B 207 -4.73 -17.91 4.19
N HIS B 208 -5.47 -19.00 4.42
CA HIS B 208 -4.88 -20.18 5.02
C HIS B 208 -5.33 -21.37 4.18
N LYS B 209 -4.42 -21.82 3.33
CA LYS B 209 -4.74 -22.77 2.28
C LYS B 209 -5.06 -24.21 2.79
N PRO B 210 -4.35 -24.70 3.81
CA PRO B 210 -4.79 -26.02 4.32
C PRO B 210 -6.20 -26.12 4.94
N SER B 211 -6.76 -25.02 5.45
CA SER B 211 -8.13 -25.06 5.97
C SER B 211 -9.11 -24.52 4.94
N ASN B 212 -8.58 -24.12 3.78
CA ASN B 212 -9.33 -23.49 2.71
C ASN B 212 -9.98 -22.17 3.18
N THR B 213 -9.30 -21.50 4.12
CA THR B 213 -9.81 -20.28 4.72
C THR B 213 -9.33 -19.08 3.98
N LYS B 214 -10.30 -18.24 3.61
CA LYS B 214 -10.00 -16.96 3.01
C LYS B 214 -10.90 -15.95 3.70
N VAL B 215 -10.31 -15.09 4.52
CA VAL B 215 -11.03 -14.00 5.21
C VAL B 215 -10.53 -12.62 4.78
N ASP B 216 -11.46 -11.72 4.49
CA ASP B 216 -11.14 -10.27 4.40
C ASP B 216 -11.73 -9.57 5.63
N LYS B 217 -10.87 -8.87 6.38
CA LYS B 217 -11.30 -8.26 7.64
C LYS B 217 -11.11 -6.75 7.68
N LYS B 218 -12.22 -6.01 7.61
CA LYS B 218 -12.18 -4.55 7.67
C LYS B 218 -11.70 -4.10 9.05
N VAL B 219 -10.73 -3.19 9.07
CA VAL B 219 -10.16 -2.65 10.31
C VAL B 219 -10.48 -1.17 10.47
N GLU B 220 -11.32 -0.85 11.45
CA GLU B 220 -11.82 0.51 11.66
C GLU B 220 -11.41 1.10 13.01
N PRO B 221 -11.22 2.43 13.07
CA PRO B 221 -10.81 3.16 14.28
C PRO B 221 -11.62 2.80 15.53
N ASP C 1 13.53 -1.60 -11.43
CA ASP C 1 13.18 -0.28 -12.07
C ASP C 1 13.46 0.92 -11.14
N VAL C 2 13.27 2.13 -11.68
CA VAL C 2 13.61 3.35 -10.95
C VAL C 2 12.53 3.82 -10.00
N GLN C 3 12.86 3.92 -8.71
CA GLN C 3 11.98 4.60 -7.76
C GLN C 3 12.25 6.09 -7.87
N ILE C 4 11.25 6.89 -7.54
CA ILE C 4 11.35 8.34 -7.62
C ILE C 4 10.84 8.87 -6.29
N THR C 5 11.67 9.64 -5.60
CA THR C 5 11.30 10.17 -4.27
C THR C 5 11.27 11.70 -4.28
N GLN C 6 10.23 12.26 -3.66
CA GLN C 6 10.11 13.71 -3.54
C GLN C 6 10.27 14.22 -2.12
N SER C 7 11.26 15.09 -1.95
CA SER C 7 11.60 15.67 -0.65
C SER C 7 11.30 17.17 -0.64
N PRO C 8 10.53 17.65 0.36
CA PRO C 8 9.67 16.87 1.25
C PRO C 8 8.29 16.69 0.61
N SER C 9 7.37 16.06 1.32
CA SER C 9 6.04 15.84 0.76
C SER C 9 5.15 17.06 0.93
N TYR C 10 5.52 17.92 1.87
CA TYR C 10 4.73 19.11 2.22
C TYR C 10 5.67 20.29 2.35
N LEU C 11 5.27 21.42 1.78
CA LEU C 11 6.05 22.65 1.93
C LEU C 11 5.10 23.82 2.11
N ALA C 12 5.48 24.74 2.98
CA ALA C 12 4.70 25.95 3.24
C ALA C 12 5.56 27.18 2.92
N ALA C 13 5.00 28.12 2.16
CA ALA C 13 5.72 29.34 1.82
C ALA C 13 4.83 30.58 1.69
N SER C 14 5.46 31.74 1.60
CA SER C 14 4.76 33.01 1.49
C SER C 14 4.77 33.49 0.04
N PRO C 15 3.71 34.20 -0.38
CA PRO C 15 3.77 34.86 -1.69
C PRO C 15 5.02 35.73 -1.86
N GLY C 16 5.68 35.61 -3.01
CA GLY C 16 6.85 36.42 -3.31
C GLY C 16 8.17 35.71 -3.05
N GLU C 17 8.12 34.62 -2.30
CA GLU C 17 9.29 33.79 -2.02
C GLU C 17 9.64 32.94 -3.24
N THR C 18 10.85 32.39 -3.21
CA THR C 18 11.36 31.48 -4.21
C THR C 18 11.64 30.14 -3.53
N ILE C 19 10.83 29.14 -3.84
CA ILE C 19 10.94 27.82 -3.25
C ILE C 19 11.50 26.81 -4.24
N THR C 20 12.17 25.78 -3.72
CA THR C 20 12.70 24.69 -4.54
C THR C 20 12.14 23.35 -4.08
N LEU C 21 11.73 22.51 -5.04
CA LEU C 21 11.16 21.20 -4.75
C LEU C 21 12.13 20.15 -5.28
N ASN C 22 12.24 19.05 -4.55
CA ASN C 22 13.23 18.02 -4.85
C ASN C 22 12.68 16.72 -5.38
N CYS C 23 13.40 16.14 -6.33
CA CYS C 23 13.00 14.87 -6.92
C CYS C 23 14.23 14.00 -7.15
N ARG C 24 14.29 12.88 -6.43
CA ARG C 24 15.40 11.96 -6.47
C ARG C 24 15.05 10.65 -7.21
N ALA C 25 15.99 10.16 -8.03
CA ALA C 25 15.84 8.90 -8.74
C ALA C 25 16.80 7.84 -8.21
N SER C 26 16.25 6.74 -7.68
CA SER C 26 17.03 5.62 -7.13
C SER C 26 18.20 5.13 -7.99
N LYS C 27 18.12 5.39 -9.31
CA LYS C 27 19.21 5.13 -10.25
C LYS C 27 19.22 6.22 -11.32
N SER C 28 20.37 6.44 -11.95
CA SER C 28 20.55 7.51 -12.92
C SER C 28 19.45 7.52 -13.99
N ILE C 29 18.87 8.69 -14.28
CA ILE C 29 17.92 8.83 -15.39
C ILE C 29 18.37 9.86 -16.44
N SER C 30 19.52 10.49 -16.18
CA SER C 30 20.08 11.54 -17.06
C SER C 30 19.25 12.82 -17.08
N LYS C 31 19.00 13.31 -18.29
CA LYS C 31 18.30 14.57 -18.54
C LYS C 31 16.77 14.43 -18.35
N TYR C 32 16.27 13.20 -18.34
CA TYR C 32 14.88 12.92 -18.66
C TYR C 32 13.90 12.80 -17.47
N LEU C 33 13.67 13.92 -16.81
CA LEU C 33 12.64 14.04 -15.79
C LEU C 33 11.68 15.14 -16.19
N ALA C 34 10.38 14.90 -16.00
CA ALA C 34 9.35 15.92 -16.25
C ALA C 34 8.70 16.39 -14.94
N TRP C 35 8.09 17.57 -14.96
CA TRP C 35 7.39 18.11 -13.78
C TRP C 35 5.95 18.50 -14.12
N TYR C 36 5.03 18.25 -13.20
CA TYR C 36 3.59 18.52 -13.39
C TYR C 36 3.00 19.26 -12.22
N GLN C 37 1.90 19.96 -12.50
CA GLN C 37 1.16 20.72 -11.50
C GLN C 37 -0.29 20.24 -11.46
N GLU C 38 -0.77 19.91 -10.25
CA GLU C 38 -2.12 19.42 -10.04
C GLU C 38 -2.91 20.34 -9.09
N LYS C 39 -4.12 20.73 -9.51
CA LYS C 39 -4.99 21.63 -8.78
C LYS C 39 -6.39 21.06 -8.77
N PRO C 40 -7.16 21.34 -7.70
CA PRO C 40 -8.55 20.84 -7.63
C PRO C 40 -9.40 21.35 -8.79
N GLY C 41 -10.13 20.44 -9.46
CA GLY C 41 -11.08 20.82 -10.50
C GLY C 41 -10.43 21.05 -11.86
N LYS C 42 -9.12 20.82 -11.92
CA LYS C 42 -8.27 21.17 -13.04
C LYS C 42 -7.52 19.95 -13.55
N THR C 43 -7.20 19.94 -14.84
CA THR C 43 -6.40 18.87 -15.45
C THR C 43 -4.91 19.11 -15.19
N ASN C 44 -4.17 18.02 -14.94
CA ASN C 44 -2.75 18.11 -14.68
C ASN C 44 -2.03 18.87 -15.79
N LYS C 45 -1.16 19.78 -15.38
CA LYS C 45 -0.45 20.63 -16.32
C LYS C 45 1.03 20.25 -16.32
N LEU C 46 1.56 20.00 -17.52
CA LEU C 46 2.98 19.75 -17.72
C LEU C 46 3.73 21.07 -17.69
N LEU C 47 4.77 21.15 -16.85
CA LEU C 47 5.51 22.40 -16.68
C LEU C 47 6.89 22.35 -17.31
N ILE C 48 7.59 21.25 -17.04
CA ILE C 48 8.97 21.05 -17.46
C ILE C 48 9.12 19.65 -18.01
N TYR C 49 9.85 19.53 -19.12
CA TYR C 49 10.30 18.22 -19.58
C TYR C 49 11.81 18.22 -19.83
N SER C 50 12.37 17.02 -20.06
CA SER C 50 13.80 16.83 -20.25
C SER C 50 14.62 17.58 -19.19
N GLY C 51 14.17 17.51 -17.94
CA GLY C 51 14.85 18.18 -16.83
C GLY C 51 14.75 19.70 -16.79
N SER C 52 14.89 20.35 -17.94
CA SER C 52 15.16 21.81 -18.00
C SER C 52 14.21 22.64 -18.87
N THR C 53 13.62 22.01 -19.88
CA THR C 53 12.89 22.76 -20.89
C THR C 53 11.54 23.20 -20.36
N LEU C 54 11.33 24.51 -20.31
CA LEU C 54 10.01 25.05 -20.04
C LEU C 54 9.06 24.61 -21.14
N GLN C 55 7.95 23.99 -20.75
CA GLN C 55 6.85 23.79 -21.66
C GLN C 55 6.42 25.20 -22.08
N SER C 56 6.25 25.41 -23.38
CA SER C 56 5.87 26.74 -23.89
C SER C 56 4.52 27.18 -23.34
N GLY C 57 4.42 28.45 -22.95
CA GLY C 57 3.23 28.98 -22.27
C GLY C 57 3.24 28.85 -20.75
N ILE C 58 4.35 28.34 -20.20
CA ILE C 58 4.51 28.28 -18.76
C ILE C 58 5.39 29.45 -18.38
N PRO C 59 4.99 30.24 -17.35
CA PRO C 59 5.75 31.43 -16.99
C PRO C 59 7.20 31.08 -16.65
N SER C 60 8.13 31.94 -17.06
CA SER C 60 9.58 31.73 -16.84
C SER C 60 10.03 31.73 -15.36
N ARG C 61 9.09 32.02 -14.46
CA ARG C 61 9.35 31.94 -13.02
C ARG C 61 9.33 30.49 -12.47
N PHE C 62 8.81 29.57 -13.29
CA PHE C 62 9.01 28.14 -13.07
C PHE C 62 10.25 27.76 -13.84
N SER C 63 11.22 27.16 -13.15
CA SER C 63 12.40 26.57 -13.81
C SER C 63 12.77 25.25 -13.16
N GLY C 64 13.38 24.36 -13.95
CA GLY C 64 13.82 23.06 -13.46
C GLY C 64 15.29 22.84 -13.74
N SER C 65 15.94 22.06 -12.86
CA SER C 65 17.36 21.79 -12.99
C SER C 65 17.70 20.42 -12.44
N GLY C 66 18.82 19.88 -12.89
CA GLY C 66 19.33 18.63 -12.37
C GLY C 66 19.70 17.63 -13.45
N SER C 67 20.43 16.59 -13.03
CA SER C 67 20.77 15.44 -13.86
C SER C 67 21.27 14.29 -12.98
N GLY C 68 21.20 13.07 -13.51
CA GLY C 68 21.63 11.88 -12.78
C GLY C 68 20.66 11.40 -11.73
N THR C 69 20.95 11.70 -10.48
CA THR C 69 20.15 11.20 -9.36
C THR C 69 19.21 12.24 -8.74
N ASP C 70 19.62 13.51 -8.75
CA ASP C 70 18.82 14.57 -8.09
C ASP C 70 18.39 15.71 -9.00
N PHE C 71 17.15 16.17 -8.80
CA PHE C 71 16.53 17.17 -9.65
C PHE C 71 15.78 18.18 -8.81
N THR C 72 15.67 19.40 -9.33
CA THR C 72 14.95 20.48 -8.66
C THR C 72 13.88 21.13 -9.54
N LEU C 73 12.81 21.60 -8.89
CA LEU C 73 11.86 22.52 -9.49
C LEU C 73 11.94 23.77 -8.65
N THR C 74 12.27 24.87 -9.30
CA THR C 74 12.31 26.18 -8.65
C THR C 74 11.17 27.03 -9.18
N ILE C 75 10.44 27.64 -8.24
CA ILE C 75 9.36 28.59 -8.56
C ILE C 75 9.70 29.91 -7.87
N SER C 76 9.90 30.96 -8.64
CA SER C 76 10.15 32.27 -8.06
C SER C 76 8.85 33.07 -8.06
N SER C 77 8.79 34.10 -7.21
CA SER C 77 7.59 34.93 -7.04
C SER C 77 6.29 34.11 -6.82
N LEU C 78 6.35 33.20 -5.86
CA LEU C 78 5.17 32.46 -5.41
C LEU C 78 3.91 33.30 -5.38
N GLU C 79 2.84 32.73 -5.94
CA GLU C 79 1.54 33.36 -5.91
C GLU C 79 0.58 32.46 -5.16
N PRO C 80 -0.50 33.03 -4.62
CA PRO C 80 -1.50 32.16 -4.02
C PRO C 80 -2.04 31.11 -5.02
N GLU C 81 -2.06 31.48 -6.31
CA GLU C 81 -2.63 30.63 -7.37
C GLU C 81 -1.75 29.42 -7.64
N ASP C 82 -0.51 29.47 -7.15
CA ASP C 82 0.46 28.38 -7.31
C ASP C 82 0.23 27.26 -6.30
N PHE C 83 -0.74 27.44 -5.41
CA PHE C 83 -1.19 26.34 -4.58
C PHE C 83 -1.54 25.17 -5.48
N ALA C 84 -0.96 24.00 -5.19
CA ALA C 84 -1.03 22.87 -6.10
C ALA C 84 -0.29 21.69 -5.51
N MET C 85 -0.44 20.54 -6.17
CA MET C 85 0.37 19.38 -5.88
C MET C 85 1.37 19.22 -7.03
N TYR C 86 2.64 19.17 -6.68
CA TYR C 86 3.68 19.05 -7.70
C TYR C 86 4.28 17.67 -7.65
N PHE C 87 4.37 17.04 -8.81
CA PHE C 87 4.97 15.72 -8.88
C PHE C 87 5.86 15.64 -10.10
N CYS C 88 6.86 14.76 -10.03
CA CYS C 88 7.79 14.50 -11.13
C CYS C 88 7.50 13.16 -11.78
N GLN C 89 8.15 12.93 -12.92
CA GLN C 89 8.06 11.66 -13.63
C GLN C 89 9.31 11.48 -14.49
N GLN C 90 9.93 10.31 -14.39
CA GLN C 90 11.05 10.00 -15.27
C GLN C 90 10.57 9.49 -16.63
N HIS C 91 11.06 10.09 -17.71
CA HIS C 91 10.74 9.58 -19.02
C HIS C 91 11.96 8.97 -19.69
N ASN C 92 12.88 8.51 -18.86
CA ASN C 92 14.10 7.87 -19.34
C ASN C 92 13.90 6.41 -19.77
N GLU C 93 13.10 5.66 -19.01
CA GLU C 93 13.01 4.22 -19.21
C GLU C 93 11.71 3.60 -18.74
N TYR C 94 11.35 2.55 -19.48
CA TYR C 94 10.24 1.63 -19.23
C TYR C 94 10.51 0.78 -17.98
N PRO C 95 9.54 0.66 -17.03
CA PRO C 95 8.25 1.34 -16.88
C PRO C 95 8.47 2.75 -16.38
N TYR C 96 7.63 3.66 -16.83
CA TYR C 96 7.75 5.05 -16.48
C TYR C 96 7.06 5.23 -15.14
N THR C 97 7.67 6.03 -14.28
CA THR C 97 7.33 6.12 -12.87
C THR C 97 7.23 7.57 -12.44
N PHE C 98 6.36 7.81 -11.46
CA PHE C 98 6.07 9.14 -10.96
C PHE C 98 6.50 9.25 -9.52
N GLY C 99 6.85 10.46 -9.11
CA GLY C 99 7.06 10.75 -7.68
C GLY C 99 5.73 10.88 -6.99
N GLY C 100 5.74 10.86 -5.66
CA GLY C 100 4.54 10.82 -4.85
C GLY C 100 3.94 12.18 -4.55
N GLY C 101 4.61 13.24 -5.01
CA GLY C 101 4.11 14.60 -4.88
C GLY C 101 4.68 15.44 -3.74
N THR C 102 4.73 16.75 -3.97
CA THR C 102 4.94 17.74 -2.91
C THR C 102 3.76 18.69 -2.95
N LYS C 103 3.08 18.80 -1.82
CA LYS C 103 1.94 19.69 -1.68
C LYS C 103 2.46 21.04 -1.21
N LEU C 104 1.85 22.10 -1.74
CA LEU C 104 2.28 23.44 -1.42
C LEU C 104 1.23 24.13 -0.56
N GLU C 105 1.62 24.59 0.61
CA GLU C 105 0.79 25.52 1.38
C GLU C 105 1.26 26.96 1.12
N ILE C 106 0.35 27.83 0.72
CA ILE C 106 0.67 29.25 0.66
C ILE C 106 0.34 29.92 2.01
N LYS C 107 1.34 30.55 2.63
CA LYS C 107 1.12 31.27 3.91
C LYS C 107 0.39 32.60 3.74
N ARG C 108 -0.39 32.99 4.74
CA ARG C 108 -1.03 34.32 4.79
C ARG C 108 -1.38 34.71 6.22
N THR C 109 -2.00 35.87 6.40
CA THR C 109 -2.29 36.39 7.73
C THR C 109 -3.44 35.63 8.37
N VAL C 110 -3.46 35.56 9.70
CA VAL C 110 -4.56 34.87 10.39
C VAL C 110 -5.89 35.47 9.92
N ALA C 111 -6.91 34.62 9.83
CA ALA C 111 -8.27 35.03 9.49
C ALA C 111 -9.24 34.12 10.23
N ALA C 112 -10.18 34.73 10.95
CA ALA C 112 -11.08 33.98 11.79
C ALA C 112 -12.21 33.40 10.94
N PRO C 113 -12.69 32.20 11.30
CA PRO C 113 -13.85 31.67 10.62
C PRO C 113 -15.09 32.51 10.87
N SER C 114 -15.97 32.57 9.89
CA SER C 114 -17.38 32.86 10.12
C SER C 114 -18.03 31.50 10.38
N VAL C 115 -18.88 31.41 11.38
CA VAL C 115 -19.46 30.12 11.70
C VAL C 115 -20.97 30.17 11.67
N PHE C 116 -21.56 29.11 11.10
CA PHE C 116 -23.00 28.98 10.88
C PHE C 116 -23.44 27.58 11.32
N ILE C 117 -24.63 27.47 11.91
CA ILE C 117 -25.17 26.16 12.29
C ILE C 117 -26.44 25.84 11.49
N PHE C 118 -26.61 24.57 11.12
CA PHE C 118 -27.79 24.12 10.39
C PHE C 118 -28.51 22.99 11.13
N PRO C 119 -29.80 23.20 11.44
CA PRO C 119 -30.69 22.13 11.94
C PRO C 119 -31.00 21.09 10.84
N PRO C 120 -31.48 19.89 11.22
CA PRO C 120 -31.89 18.93 10.22
C PRO C 120 -33.23 19.32 9.58
N SER C 121 -33.40 18.97 8.31
CA SER C 121 -34.63 19.23 7.61
C SER C 121 -35.73 18.31 8.15
N ASP C 122 -36.99 18.75 8.05
CA ASP C 122 -38.13 17.90 8.41
C ASP C 122 -38.25 16.70 7.46
N GLU C 123 -37.82 16.91 6.22
CA GLU C 123 -37.76 15.84 5.23
C GLU C 123 -36.88 14.70 5.74
N GLN C 124 -35.72 15.04 6.30
CA GLN C 124 -34.81 14.06 6.87
C GLN C 124 -35.36 13.37 8.13
N LEU C 125 -36.19 14.07 8.90
CA LEU C 125 -36.69 13.52 10.16
C LEU C 125 -37.72 12.41 9.93
N LYS C 126 -38.29 12.36 8.73
CA LYS C 126 -39.07 11.20 8.30
C LYS C 126 -38.20 9.94 8.18
N SER C 127 -36.90 10.13 7.91
CA SER C 127 -35.98 9.01 7.68
C SER C 127 -35.56 8.29 8.96
N GLY C 128 -35.71 8.96 10.11
CA GLY C 128 -35.27 8.40 11.38
C GLY C 128 -33.86 8.76 11.78
N THR C 129 -33.21 9.60 10.97
CA THR C 129 -31.89 10.14 11.31
C THR C 129 -31.93 11.68 11.27
N ALA C 130 -31.06 12.29 12.07
CA ALA C 130 -30.95 13.74 12.13
C ALA C 130 -29.49 14.15 12.02
N SER C 131 -29.21 14.98 11.02
CA SER C 131 -27.86 15.51 10.84
C SER C 131 -27.81 17.02 11.10
N VAL C 132 -27.01 17.41 12.09
CA VAL C 132 -26.77 18.79 12.41
C VAL C 132 -25.43 19.13 11.81
N VAL C 133 -25.36 20.27 11.14
CA VAL C 133 -24.16 20.66 10.44
C VAL C 133 -23.70 22.02 10.94
N CYS C 134 -22.42 22.11 11.27
CA CYS C 134 -21.80 23.37 11.59
C CYS C 134 -20.82 23.73 10.48
N LEU C 135 -20.92 24.95 9.94
CA LEU C 135 -19.95 25.42 8.91
C LEU C 135 -18.96 26.45 9.46
N LEU C 136 -17.69 26.22 9.16
CA LEU C 136 -16.60 27.14 9.51
C LEU C 136 -15.98 27.66 8.22
N ASN C 137 -16.35 28.88 7.83
CA ASN C 137 -16.00 29.46 6.54
C ASN C 137 -14.79 30.39 6.52
N ASN C 138 -14.00 30.27 5.46
CA ASN C 138 -12.81 31.10 5.15
C ASN C 138 -11.87 31.48 6.30
N PHE C 139 -11.04 30.52 6.71
CA PHE C 139 -10.09 30.75 7.80
C PHE C 139 -8.64 30.35 7.50
N TYR C 140 -7.70 30.92 8.27
CA TYR C 140 -6.28 30.54 8.26
C TYR C 140 -5.70 30.83 9.65
N PRO C 141 -4.79 29.97 10.16
CA PRO C 141 -4.23 28.70 9.65
C PRO C 141 -5.23 27.56 9.68
N ARG C 142 -4.80 26.37 9.28
CA ARG C 142 -5.66 25.19 9.19
C ARG C 142 -6.28 24.71 10.52
N GLU C 143 -5.48 24.65 11.58
CA GLU C 143 -5.96 24.17 12.89
C GLU C 143 -7.23 24.86 13.35
N ALA C 144 -8.13 24.07 13.94
CA ALA C 144 -9.42 24.58 14.42
C ALA C 144 -10.05 23.49 15.27
N LYS C 145 -10.79 23.89 16.30
CA LYS C 145 -11.37 22.95 17.23
C LYS C 145 -12.88 23.11 17.28
N VAL C 146 -13.59 22.18 16.64
CA VAL C 146 -15.05 22.16 16.68
C VAL C 146 -15.52 21.28 17.83
N GLN C 147 -16.55 21.74 18.53
CA GLN C 147 -17.07 21.03 19.70
C GLN C 147 -18.59 21.15 19.69
N TRP C 148 -19.27 20.02 19.84
CA TRP C 148 -20.74 20.00 19.85
C TRP C 148 -21.29 19.89 21.27
N LYS C 149 -22.41 20.58 21.51
CA LYS C 149 -23.11 20.57 22.80
C LYS C 149 -24.63 20.44 22.59
N VAL C 150 -25.21 19.44 23.25
CA VAL C 150 -26.65 19.27 23.25
C VAL C 150 -27.16 19.45 24.68
N ASP C 151 -27.80 20.60 24.93
CA ASP C 151 -28.17 21.03 26.30
C ASP C 151 -26.92 21.04 27.21
N ASN C 152 -25.87 21.70 26.69
CA ASN C 152 -24.55 21.80 27.33
C ASN C 152 -23.81 20.49 27.64
N ALA C 153 -24.34 19.36 27.17
CA ALA C 153 -23.59 18.10 27.23
C ALA C 153 -22.56 18.05 26.09
N LEU C 154 -21.28 17.93 26.44
CA LEU C 154 -20.19 17.84 25.46
C LEU C 154 -20.29 16.51 24.70
N GLN C 155 -20.29 16.58 23.36
CA GLN C 155 -20.56 15.40 22.53
C GLN C 155 -19.27 14.65 22.19
N SER C 156 -19.38 13.35 21.99
CA SER C 156 -18.20 12.54 21.69
C SER C 156 -18.51 11.39 20.75
N GLY C 157 -17.66 11.24 19.73
CA GLY C 157 -17.73 10.10 18.81
C GLY C 157 -18.89 10.02 17.83
N ASN C 158 -19.72 11.06 17.77
CA ASN C 158 -20.89 11.08 16.87
C ASN C 158 -20.85 12.22 15.83
N SER C 159 -19.66 12.74 15.57
CA SER C 159 -19.48 13.79 14.59
C SER C 159 -18.38 13.42 13.59
N GLN C 160 -18.47 13.98 12.38
CA GLN C 160 -17.42 13.80 11.38
C GLN C 160 -17.12 15.14 10.72
N GLU C 161 -15.89 15.28 10.28
CA GLU C 161 -15.33 16.57 9.94
C GLU C 161 -14.73 16.47 8.55
N SER C 162 -14.80 17.58 7.81
CA SER C 162 -14.24 17.66 6.47
C SER C 162 -13.76 19.09 6.16
N VAL C 163 -12.63 19.19 5.48
CA VAL C 163 -11.98 20.45 5.22
C VAL C 163 -11.73 20.57 3.71
N THR C 164 -11.94 21.77 3.15
CA THR C 164 -11.59 22.05 1.77
C THR C 164 -10.09 22.26 1.62
N GLU C 165 -9.64 22.25 0.37
CA GLU C 165 -8.30 22.69 0.04
C GLU C 165 -8.20 24.22 0.15
N GLN C 166 -6.97 24.71 0.25
CA GLN C 166 -6.71 26.15 0.28
C GLN C 166 -7.33 26.80 -0.94
N ASP C 167 -8.06 27.89 -0.73
CA ASP C 167 -8.61 28.60 -1.87
C ASP C 167 -7.45 29.16 -2.70
N SER C 168 -7.60 29.11 -4.02
CA SER C 168 -6.52 29.51 -4.92
C SER C 168 -6.32 31.03 -4.99
N LYS C 169 -7.32 31.81 -4.55
CA LYS C 169 -7.20 33.28 -4.50
C LYS C 169 -6.83 33.84 -3.12
N ASP C 170 -7.62 33.51 -2.09
CA ASP C 170 -7.42 34.05 -0.75
C ASP C 170 -6.66 33.14 0.26
N SER C 171 -6.30 31.92 -0.18
CA SER C 171 -5.50 30.99 0.63
C SER C 171 -6.11 30.51 1.96
N THR C 172 -7.44 30.57 2.07
CA THR C 172 -8.12 30.10 3.27
C THR C 172 -8.73 28.70 3.10
N TYR C 173 -9.13 28.15 4.25
CA TYR C 173 -9.77 26.86 4.35
C TYR C 173 -11.20 27.08 4.82
N SER C 174 -12.05 26.10 4.55
CA SER C 174 -13.34 25.99 5.21
C SER C 174 -13.50 24.58 5.76
N LEU C 175 -14.30 24.45 6.82
CA LEU C 175 -14.48 23.16 7.49
C LEU C 175 -15.96 22.89 7.72
N SER C 176 -16.37 21.67 7.40
CA SER C 176 -17.74 21.21 7.58
C SER C 176 -17.70 20.15 8.66
N SER C 177 -18.53 20.32 9.69
CA SER C 177 -18.64 19.34 10.78
C SER C 177 -20.08 18.91 10.92
N THR C 178 -20.29 17.61 11.00
CA THR C 178 -21.63 17.03 10.98
C THR C 178 -21.84 16.19 12.23
N LEU C 179 -22.91 16.48 12.96
CA LEU C 179 -23.27 15.73 14.16
C LEU C 179 -24.44 14.83 13.80
N THR C 180 -24.27 13.53 14.04
CA THR C 180 -25.30 12.57 13.67
C THR C 180 -25.96 11.92 14.88
N LEU C 181 -27.28 12.11 14.96
CA LEU C 181 -28.15 11.54 15.99
C LEU C 181 -29.34 10.83 15.33
N SER C 182 -29.90 9.84 16.01
CA SER C 182 -31.19 9.30 15.60
C SER C 182 -32.29 10.30 15.93
N LYS C 183 -33.36 10.28 15.15
CA LYS C 183 -34.55 11.11 15.37
C LYS C 183 -35.04 11.04 16.82
N ALA C 184 -35.08 9.81 17.37
CA ALA C 184 -35.46 9.57 18.75
C ALA C 184 -34.74 10.52 19.71
N ASP C 185 -33.42 10.43 19.73
CA ASP C 185 -32.61 11.27 20.60
C ASP C 185 -32.74 12.76 20.25
N TYR C 186 -32.66 13.12 18.97
CA TYR C 186 -32.77 14.52 18.56
C TYR C 186 -34.06 15.20 19.07
N GLU C 187 -35.13 14.42 19.19
CA GLU C 187 -36.44 14.94 19.57
C GLU C 187 -36.57 15.17 21.10
N LYS C 188 -35.64 14.59 21.87
CA LYS C 188 -35.70 14.63 23.33
C LYS C 188 -34.86 15.77 23.95
N HIS C 189 -34.03 16.41 23.13
CA HIS C 189 -33.21 17.52 23.60
C HIS C 189 -33.64 18.82 22.92
N LYS C 190 -33.13 19.96 23.40
CA LYS C 190 -33.64 21.27 22.95
C LYS C 190 -32.59 22.17 22.29
N VAL C 191 -31.49 22.45 22.99
CA VAL C 191 -30.48 23.40 22.51
C VAL C 191 -29.33 22.67 21.84
N TYR C 192 -29.14 22.95 20.55
CA TYR C 192 -28.08 22.34 19.76
C TYR C 192 -27.05 23.39 19.43
N ALA C 193 -25.82 23.14 19.86
CA ALA C 193 -24.80 24.18 19.93
C ALA C 193 -23.51 23.75 19.28
N CYS C 194 -22.89 24.69 18.57
CA CYS C 194 -21.60 24.47 17.93
C CYS C 194 -20.60 25.48 18.48
N GLU C 195 -19.48 24.98 18.98
CA GLU C 195 -18.48 25.85 19.64
C GLU C 195 -17.10 25.66 19.00
N VAL C 196 -16.47 26.79 18.63
CA VAL C 196 -15.31 26.82 17.73
C VAL C 196 -14.15 27.68 18.27
N THR C 197 -12.95 27.11 18.25
CA THR C 197 -11.75 27.82 18.67
C THR C 197 -10.67 27.84 17.60
N HIS C 198 -10.05 29.00 17.46
CA HIS C 198 -9.13 29.27 16.37
C HIS C 198 -8.24 30.46 16.73
N GLN C 199 -6.99 30.40 16.30
CA GLN C 199 -6.03 31.49 16.46
C GLN C 199 -6.64 32.87 16.20
N GLY C 200 -7.61 32.94 15.29
CA GLY C 200 -8.21 34.22 14.89
C GLY C 200 -9.25 34.75 15.85
N LEU C 201 -9.76 33.89 16.73
CA LEU C 201 -10.81 34.28 17.65
C LEU C 201 -10.23 34.55 19.05
N SER C 202 -10.45 35.75 19.59
CA SER C 202 -9.94 36.07 20.93
C SER C 202 -10.52 35.13 21.98
N SER C 203 -11.80 34.77 21.82
CA SER C 203 -12.46 33.76 22.64
C SER C 203 -13.38 32.89 21.78
N PRO C 204 -13.67 31.63 22.20
CA PRO C 204 -14.58 30.75 21.48
C PRO C 204 -15.83 31.44 20.92
N VAL C 205 -16.31 30.95 19.78
CA VAL C 205 -17.58 31.43 19.22
C VAL C 205 -18.59 30.29 19.24
N THR C 206 -19.79 30.57 19.71
CA THR C 206 -20.83 29.56 19.80
C THR C 206 -22.06 29.96 19.00
N LYS C 207 -22.44 29.09 18.08
CA LYS C 207 -23.68 29.27 17.35
C LYS C 207 -24.61 28.16 17.79
N SER C 208 -25.89 28.45 17.90
CA SER C 208 -26.84 27.45 18.34
C SER C 208 -28.25 27.70 17.79
N PHE C 209 -29.16 26.78 18.13
CA PHE C 209 -30.58 26.93 17.82
C PHE C 209 -31.34 26.04 18.80
N ASN C 210 -32.65 26.30 18.93
CA ASN C 210 -33.53 25.48 19.75
C ASN C 210 -34.50 24.69 18.89
N ARG C 211 -34.61 23.40 19.16
CA ARG C 211 -35.42 22.49 18.34
C ARG C 211 -36.88 22.90 18.27
N GLY C 212 -37.30 23.37 17.10
CA GLY C 212 -38.68 23.80 16.83
C GLY C 212 -39.17 25.10 17.44
N GLU C 213 -38.30 25.82 18.14
CA GLU C 213 -38.69 27.02 18.87
C GLU C 213 -38.17 28.29 18.19
N GLN D 1 -4.25 23.75 -25.89
CA GLN D 1 -5.22 23.78 -27.05
C GLN D 1 -5.78 22.40 -27.45
N VAL D 2 -5.84 21.48 -26.51
CA VAL D 2 -6.32 20.12 -26.74
C VAL D 2 -7.10 19.70 -25.49
N THR D 3 -8.22 19.00 -25.66
CA THR D 3 -8.96 18.49 -24.51
C THR D 3 -9.19 16.98 -24.62
N LEU D 4 -9.07 16.29 -23.48
CA LEU D 4 -9.31 14.84 -23.39
C LEU D 4 -10.36 14.56 -22.31
N LYS D 5 -11.05 13.42 -22.42
CA LYS D 5 -12.17 13.11 -21.55
C LYS D 5 -12.34 11.59 -21.45
N GLU D 6 -12.21 11.06 -20.23
CA GLU D 6 -12.38 9.62 -19.99
C GLU D 6 -13.81 9.29 -19.61
N SER D 7 -14.24 8.09 -20.00
CA SER D 7 -15.53 7.55 -19.56
C SER D 7 -15.39 6.06 -19.27
N GLY D 8 -16.02 5.61 -18.20
CA GLY D 8 -16.03 4.21 -17.80
C GLY D 8 -17.29 3.85 -17.03
N PRO D 9 -17.36 2.62 -16.50
CA PRO D 9 -18.63 2.17 -15.90
C PRO D 9 -18.93 2.68 -14.50
N GLY D 10 -18.03 3.48 -13.91
CA GLY D 10 -18.25 4.03 -12.57
C GLY D 10 -17.98 3.04 -11.46
N ILE D 11 -18.73 1.93 -11.45
CA ILE D 11 -18.50 0.80 -10.53
C ILE D 11 -18.60 -0.53 -11.31
N LEU D 12 -17.85 -1.53 -10.89
CA LEU D 12 -18.05 -2.87 -11.42
C LEU D 12 -17.62 -3.92 -10.39
N GLN D 13 -17.93 -5.19 -10.66
CA GLN D 13 -17.69 -6.28 -9.70
C GLN D 13 -16.28 -6.85 -9.84
N PRO D 14 -15.70 -7.36 -8.74
CA PRO D 14 -14.48 -8.17 -8.88
C PRO D 14 -14.64 -9.19 -10.00
N SER D 15 -13.57 -9.36 -10.79
CA SER D 15 -13.46 -10.37 -11.85
C SER D 15 -14.00 -9.97 -13.24
N GLN D 16 -14.85 -8.94 -13.32
CA GLN D 16 -15.32 -8.42 -14.62
C GLN D 16 -14.20 -7.70 -15.39
N THR D 17 -14.48 -7.36 -16.66
CA THR D 17 -13.55 -6.59 -17.46
C THR D 17 -13.90 -5.11 -17.39
N LEU D 18 -12.90 -4.28 -17.12
CA LEU D 18 -13.07 -2.83 -17.14
C LEU D 18 -12.82 -2.28 -18.55
N SER D 19 -13.78 -1.54 -19.06
CA SER D 19 -13.60 -0.91 -20.35
C SER D 19 -13.58 0.60 -20.21
N LEU D 20 -12.48 1.21 -20.65
CA LEU D 20 -12.31 2.65 -20.61
C LEU D 20 -12.24 3.22 -22.00
N THR D 21 -12.79 4.43 -22.19
CA THR D 21 -12.73 5.12 -23.47
C THR D 21 -12.12 6.50 -23.27
N CYS D 22 -11.26 6.91 -24.20
CA CYS D 22 -10.70 8.25 -24.19
C CYS D 22 -11.13 9.02 -25.46
N SER D 23 -11.96 10.04 -25.25
CA SER D 23 -12.45 10.93 -26.30
C SER D 23 -11.68 12.25 -26.25
N PHE D 24 -11.22 12.73 -27.39
CA PHE D 24 -10.43 13.96 -27.39
C PHE D 24 -10.76 14.95 -28.47
N SER D 25 -10.51 16.22 -28.20
CA SER D 25 -10.68 17.28 -29.19
C SER D 25 -9.35 17.99 -29.37
N GLY D 26 -9.01 18.34 -30.61
CA GLY D 26 -7.80 19.13 -30.89
C GLY D 26 -6.69 18.46 -31.68
N PHE D 27 -6.58 17.15 -31.56
CA PHE D 27 -5.56 16.39 -32.27
C PHE D 27 -6.16 15.06 -32.69
N SER D 28 -5.45 14.32 -33.54
CA SER D 28 -5.90 13.05 -34.06
C SER D 28 -4.72 12.10 -34.06
N LEU D 29 -4.97 10.81 -33.82
CA LEU D 29 -3.91 9.79 -33.88
C LEU D 29 -3.64 9.25 -35.28
N SER D 30 -4.28 9.81 -36.29
CA SER D 30 -3.90 9.56 -37.68
C SER D 30 -2.70 10.44 -38.04
N THR D 31 -2.52 11.53 -37.27
CA THR D 31 -1.40 12.44 -37.45
C THR D 31 -0.11 11.78 -36.97
N TYR D 32 0.80 11.57 -37.91
CA TYR D 32 2.15 11.10 -37.61
C TYR D 32 2.72 11.85 -36.39
N GLY D 33 3.26 11.10 -35.44
CA GLY D 33 3.86 11.68 -34.24
C GLY D 33 2.97 11.66 -33.00
N MET D 34 1.66 11.53 -33.20
CA MET D 34 0.69 11.54 -32.09
C MET D 34 0.58 10.23 -31.31
N GLY D 35 0.38 10.36 -29.99
CA GLY D 35 0.25 9.21 -29.08
C GLY D 35 -0.62 9.53 -27.87
N VAL D 36 -1.22 8.51 -27.29
CA VAL D 36 -2.05 8.68 -26.07
C VAL D 36 -1.71 7.56 -25.06
N GLY D 37 -1.64 7.90 -23.77
CA GLY D 37 -1.39 6.92 -22.73
C GLY D 37 -2.44 6.88 -21.64
N TRP D 38 -2.41 5.83 -20.83
CA TRP D 38 -3.29 5.67 -19.67
C TRP D 38 -2.50 5.62 -18.37
N ILE D 39 -2.90 6.45 -17.41
CA ILE D 39 -2.27 6.52 -16.09
C ILE D 39 -3.38 6.46 -15.06
N ARG D 40 -3.11 5.88 -13.89
CA ARG D 40 -4.11 5.78 -12.84
C ARG D 40 -3.53 6.18 -11.51
N GLN D 41 -4.42 6.60 -10.60
CA GLN D 41 -4.03 7.00 -9.27
C GLN D 41 -4.91 6.25 -8.29
N PRO D 42 -4.38 5.16 -7.69
CA PRO D 42 -5.13 4.46 -6.65
C PRO D 42 -5.51 5.38 -5.51
N SER D 43 -6.63 5.07 -4.85
CA SER D 43 -7.01 5.78 -3.64
C SER D 43 -5.80 5.82 -2.69
N GLY D 44 -5.32 7.04 -2.39
CA GLY D 44 -4.22 7.24 -1.45
C GLY D 44 -2.78 7.07 -1.94
N LYS D 45 -2.58 6.64 -3.17
CA LYS D 45 -1.22 6.37 -3.67
C LYS D 45 -0.76 7.36 -4.74
N GLY D 46 0.42 7.08 -5.32
CA GLY D 46 0.94 7.88 -6.43
C GLY D 46 0.37 7.45 -7.77
N LEU D 47 0.74 8.19 -8.81
CA LEU D 47 0.29 7.90 -10.17
C LEU D 47 1.05 6.71 -10.71
N GLU D 48 0.38 5.88 -11.50
CA GLU D 48 0.98 4.69 -12.05
C GLU D 48 0.70 4.65 -13.54
N TRP D 49 1.76 4.63 -14.34
CA TRP D 49 1.62 4.51 -15.79
C TRP D 49 1.10 3.12 -16.14
N LEU D 50 0.15 3.04 -17.05
CA LEU D 50 -0.47 1.74 -17.38
C LEU D 50 -0.10 1.25 -18.77
N ALA D 51 -0.35 2.08 -19.79
CA ALA D 51 -0.04 1.74 -21.17
C ALA D 51 -0.13 2.96 -22.10
N HIS D 52 0.46 2.84 -23.29
CA HIS D 52 0.28 3.85 -24.31
C HIS D 52 0.29 3.24 -25.71
N ILE D 53 -0.12 4.05 -26.69
CA ILE D 53 -0.26 3.63 -28.06
C ILE D 53 0.09 4.81 -28.97
N TRP D 54 0.76 4.54 -30.08
CA TRP D 54 1.14 5.61 -31.00
C TRP D 54 0.32 5.55 -32.29
N TRP D 55 0.42 6.60 -33.11
CA TRP D 55 -0.23 6.68 -34.43
C TRP D 55 -0.07 5.40 -35.28
N ASP D 56 1.08 4.74 -35.16
CA ASP D 56 1.44 3.56 -35.94
C ASP D 56 1.05 2.26 -35.25
N ASP D 57 0.15 2.33 -34.27
CA ASP D 57 -0.41 1.13 -33.60
C ASP D 57 0.57 0.35 -32.71
N VAL D 58 1.72 0.95 -32.41
CA VAL D 58 2.69 0.41 -31.46
C VAL D 58 2.24 0.72 -30.04
N LYS D 59 2.39 -0.27 -29.15
CA LYS D 59 1.80 -0.23 -27.82
C LYS D 59 2.81 -0.71 -26.78
N ARG D 60 2.85 -0.06 -25.62
CA ARG D 60 3.71 -0.48 -24.52
C ARG D 60 2.87 -0.68 -23.26
N TYR D 61 3.23 -1.67 -22.46
CA TYR D 61 2.45 -2.05 -21.30
C TYR D 61 3.29 -2.03 -20.03
N ASN D 62 2.66 -1.72 -18.90
CA ASN D 62 3.32 -1.85 -17.60
C ASN D 62 3.39 -3.34 -17.23
N PRO D 63 4.62 -3.91 -17.19
CA PRO D 63 4.80 -5.37 -16.98
C PRO D 63 4.13 -5.88 -15.71
N ALA D 64 3.99 -5.01 -14.71
CA ALA D 64 3.35 -5.34 -13.44
C ALA D 64 1.86 -5.62 -13.60
N LEU D 65 1.38 -5.60 -14.84
CA LEU D 65 -0.03 -5.74 -15.15
C LEU D 65 -0.15 -6.42 -16.50
N LYS D 66 0.82 -6.11 -17.38
CA LYS D 66 0.91 -6.50 -18.80
C LYS D 66 -0.05 -7.59 -19.30
N SER D 67 -0.11 -8.70 -18.56
CA SER D 67 -0.99 -9.82 -18.85
C SER D 67 -2.48 -9.40 -19.00
N ARG D 68 -2.91 -8.42 -18.22
CA ARG D 68 -4.34 -8.07 -18.13
C ARG D 68 -4.80 -6.83 -18.94
N LEU D 69 -3.86 -6.12 -19.57
CA LEU D 69 -4.15 -4.87 -20.28
C LEU D 69 -4.22 -5.04 -21.79
N THR D 70 -5.16 -4.35 -22.42
CA THR D 70 -5.20 -4.25 -23.88
C THR D 70 -5.57 -2.82 -24.25
N ILE D 71 -4.63 -2.11 -24.86
CA ILE D 71 -4.88 -0.77 -25.38
C ILE D 71 -5.09 -0.79 -26.91
N SER D 72 -5.96 0.09 -27.40
CA SER D 72 -6.32 0.14 -28.82
C SER D 72 -6.83 1.55 -29.17
N LYS D 73 -7.03 1.81 -30.46
CA LYS D 73 -7.51 3.13 -30.93
C LYS D 73 -8.47 2.89 -32.07
N ASP D 74 -9.39 3.82 -32.32
CA ASP D 74 -10.27 3.63 -33.48
C ASP D 74 -9.52 3.90 -34.82
N THR D 75 -10.07 3.39 -35.93
CA THR D 75 -9.44 3.49 -37.25
C THR D 75 -8.97 4.91 -37.58
N SER D 76 -9.84 5.89 -37.42
CA SER D 76 -9.52 7.29 -37.73
C SER D 76 -8.62 7.94 -36.69
N GLY D 77 -8.52 7.32 -35.51
CA GLY D 77 -7.70 7.84 -34.43
C GLY D 77 -8.32 8.98 -33.63
N SER D 78 -9.65 9.10 -33.61
CA SER D 78 -10.26 10.06 -32.69
C SER D 78 -10.72 9.42 -31.39
N GLN D 79 -10.24 8.22 -31.11
CA GLN D 79 -10.52 7.54 -29.84
C GLN D 79 -9.48 6.53 -29.46
N VAL D 80 -9.28 6.40 -28.16
CA VAL D 80 -8.32 5.46 -27.58
C VAL D 80 -9.03 4.69 -26.46
N PHE D 81 -8.70 3.41 -26.32
CA PHE D 81 -9.44 2.50 -25.45
C PHE D 81 -8.51 1.69 -24.61
N LEU D 82 -8.91 1.46 -23.37
CA LEU D 82 -8.22 0.53 -22.50
C LEU D 82 -9.18 -0.49 -21.92
N LYS D 83 -8.63 -1.67 -21.71
CA LYS D 83 -9.33 -2.86 -21.27
C LYS D 83 -8.48 -3.48 -20.18
N ILE D 84 -9.07 -3.64 -19.00
CA ILE D 84 -8.40 -4.31 -17.88
C ILE D 84 -9.22 -5.56 -17.49
N ALA D 85 -8.63 -6.73 -17.73
CA ALA D 85 -9.30 -8.01 -17.46
C ALA D 85 -9.35 -8.33 -15.96
N SER D 86 -10.19 -9.29 -15.59
CA SER D 86 -10.42 -9.69 -14.19
C SER D 86 -9.89 -8.72 -13.14
N VAL D 87 -10.61 -7.62 -12.98
CA VAL D 87 -10.24 -6.59 -12.03
C VAL D 87 -10.47 -7.09 -10.62
N ASP D 88 -9.72 -6.51 -9.69
CA ASP D 88 -9.95 -6.74 -8.26
C ASP D 88 -10.02 -5.38 -7.55
N THR D 89 -10.22 -5.39 -6.23
CA THR D 89 -10.48 -4.13 -5.53
C THR D 89 -9.26 -3.22 -5.52
N SER D 90 -8.06 -3.80 -5.65
CA SER D 90 -6.85 -3.00 -5.82
C SER D 90 -6.83 -2.24 -7.15
N ASP D 91 -7.75 -2.57 -8.06
CA ASP D 91 -7.88 -1.81 -9.31
C ASP D 91 -8.73 -0.53 -9.14
N THR D 92 -9.25 -0.31 -7.93
CA THR D 92 -10.00 0.90 -7.62
C THR D 92 -9.09 2.13 -7.66
N ALA D 93 -9.42 3.06 -8.54
CA ALA D 93 -8.53 4.18 -8.83
C ALA D 93 -9.20 5.20 -9.71
N THR D 94 -8.62 6.40 -9.74
CA THR D 94 -8.96 7.38 -10.75
C THR D 94 -8.12 7.10 -12.00
N TYR D 95 -8.75 7.03 -13.15
CA TYR D 95 -8.04 6.73 -14.40
C TYR D 95 -7.93 7.95 -15.33
N TYR D 96 -6.72 8.16 -15.86
CA TYR D 96 -6.42 9.28 -16.73
C TYR D 96 -5.96 8.81 -18.09
N CYS D 97 -6.42 9.49 -19.14
CA CYS D 97 -5.74 9.42 -20.41
C CYS D 97 -5.09 10.77 -20.67
N ALA D 98 -4.01 10.73 -21.45
CA ALA D 98 -3.18 11.90 -21.67
C ALA D 98 -2.43 11.73 -22.96
N ARG D 99 -2.26 12.83 -23.68
CA ARG D 99 -1.51 12.83 -24.92
C ARG D 99 -0.03 12.89 -24.62
N MET D 100 0.78 12.18 -25.41
CA MET D 100 2.24 12.30 -25.31
C MET D 100 2.77 13.61 -25.92
N GLY D 101 3.80 14.18 -25.28
CA GLY D 101 4.27 15.51 -25.63
C GLY D 101 5.43 15.50 -26.60
N SER D 102 5.67 14.33 -27.19
CA SER D 102 6.82 14.08 -28.06
C SER D 102 6.41 12.97 -29.00
N ASP D 103 7.07 12.88 -30.15
CA ASP D 103 6.76 11.82 -31.12
C ASP D 103 7.48 10.52 -30.75
N TYR D 104 8.31 10.58 -29.71
CA TYR D 104 8.93 9.39 -29.15
C TYR D 104 9.23 9.43 -27.68
N ASP D 105 8.80 10.48 -27.00
CA ASP D 105 9.07 10.60 -25.56
C ASP D 105 7.83 10.61 -24.67
N VAL D 106 7.82 9.71 -23.71
CA VAL D 106 6.65 9.47 -22.86
C VAL D 106 6.59 10.44 -21.67
N TRP D 107 6.28 11.70 -22.00
CA TRP D 107 5.80 12.68 -21.03
C TRP D 107 4.48 13.19 -21.62
N PHE D 108 3.64 13.81 -20.80
CA PHE D 108 2.25 14.08 -21.20
C PHE D 108 1.89 15.56 -21.20
N ASP D 109 1.74 16.13 -22.38
CA ASP D 109 1.43 17.55 -22.48
C ASP D 109 0.00 17.94 -22.10
N TYR D 110 -0.96 17.07 -22.40
CA TYR D 110 -2.34 17.33 -22.00
C TYR D 110 -2.98 16.12 -21.33
N TRP D 111 -3.71 16.37 -20.26
CA TRP D 111 -4.39 15.33 -19.48
C TRP D 111 -5.90 15.52 -19.48
N GLY D 112 -6.64 14.43 -19.27
CA GLY D 112 -8.08 14.51 -19.02
C GLY D 112 -8.31 14.76 -17.55
N GLN D 113 -9.57 14.90 -17.16
CA GLN D 113 -9.91 15.29 -15.80
C GLN D 113 -9.90 14.07 -14.88
N GLY D 114 -9.85 12.87 -15.46
CA GLY D 114 -9.85 11.63 -14.72
C GLY D 114 -11.25 11.10 -14.49
N THR D 115 -11.42 9.77 -14.59
CA THR D 115 -12.68 9.10 -14.21
C THR D 115 -12.43 8.09 -13.06
N LEU D 116 -13.22 8.18 -12.00
CA LEU D 116 -13.08 7.26 -10.86
C LEU D 116 -13.78 5.93 -11.12
N VAL D 117 -13.04 4.84 -10.98
CA VAL D 117 -13.61 3.52 -11.09
C VAL D 117 -13.48 2.78 -9.75
N THR D 118 -14.61 2.32 -9.22
CA THR D 118 -14.65 1.50 -8.01
C THR D 118 -14.93 0.06 -8.41
N VAL D 119 -14.04 -0.84 -7.99
CA VAL D 119 -14.29 -2.27 -8.13
C VAL D 119 -14.73 -2.73 -6.75
N SER D 120 -15.95 -3.25 -6.64
CA SER D 120 -16.53 -3.62 -5.35
C SER D 120 -17.66 -4.62 -5.51
N ALA D 121 -17.76 -5.53 -4.54
CA ALA D 121 -18.86 -6.49 -4.52
C ALA D 121 -20.16 -5.85 -4.08
N ALA D 122 -20.07 -4.65 -3.49
CA ALA D 122 -21.25 -3.98 -2.87
C ALA D 122 -22.16 -3.37 -3.92
N SER D 123 -23.42 -3.19 -3.56
CA SER D 123 -24.37 -2.58 -4.47
C SER D 123 -24.32 -1.06 -4.43
N THR D 124 -24.82 -0.45 -5.50
CA THR D 124 -24.89 0.98 -5.63
C THR D 124 -26.03 1.51 -4.75
N LYS D 125 -25.84 2.71 -4.22
CA LYS D 125 -26.87 3.34 -3.41
C LYS D 125 -26.92 4.86 -3.69
N GLY D 126 -28.11 5.34 -4.03
CA GLY D 126 -28.32 6.74 -4.37
C GLY D 126 -28.46 7.65 -3.15
N PRO D 127 -28.03 8.92 -3.29
CA PRO D 127 -28.06 9.81 -2.14
C PRO D 127 -29.45 10.33 -1.80
N SER D 128 -29.60 10.79 -0.57
CA SER D 128 -30.71 11.66 -0.23
C SER D 128 -30.16 13.07 -0.20
N VAL D 129 -30.92 14.02 -0.72
CA VAL D 129 -30.47 15.43 -0.75
C VAL D 129 -31.34 16.27 0.18
N PHE D 130 -30.72 16.83 1.22
CA PHE D 130 -31.45 17.64 2.20
C PHE D 130 -31.04 19.10 2.22
N PRO D 131 -32.02 20.00 2.41
CA PRO D 131 -31.70 21.43 2.46
C PRO D 131 -30.98 21.78 3.75
N LEU D 132 -29.91 22.56 3.64
CA LEU D 132 -29.33 23.25 4.78
C LEU D 132 -29.79 24.70 4.69
N ALA D 133 -30.89 24.99 5.39
CA ALA D 133 -31.62 26.24 5.23
C ALA D 133 -30.97 27.42 5.96
N PRO D 134 -30.87 28.59 5.28
CA PRO D 134 -30.32 29.80 5.89
C PRO D 134 -31.21 30.26 7.05
N SER D 135 -30.59 30.79 8.11
CA SER D 135 -31.33 31.21 9.32
C SER D 135 -31.54 32.72 9.44
N GLY D 142 -25.88 41.52 6.33
CA GLY D 142 -24.58 41.14 5.80
C GLY D 142 -24.62 39.82 5.03
N THR D 143 -24.01 38.79 5.63
CA THR D 143 -23.74 37.55 4.93
C THR D 143 -24.43 36.36 5.57
N ALA D 144 -25.33 35.70 4.83
CA ALA D 144 -25.95 34.46 5.32
C ALA D 144 -25.34 33.25 4.60
N ALA D 145 -25.45 32.09 5.22
CA ALA D 145 -24.93 30.86 4.59
C ALA D 145 -26.06 29.90 4.30
N LEU D 146 -25.93 29.09 3.25
CA LEU D 146 -26.91 28.04 2.95
C LEU D 146 -26.28 26.85 2.25
N GLY D 147 -27.03 25.75 2.16
CA GLY D 147 -26.42 24.55 1.61
C GLY D 147 -27.28 23.34 1.32
N CYS D 148 -26.61 22.28 0.88
CA CYS D 148 -27.21 20.98 0.59
C CYS D 148 -26.38 19.87 1.26
N LEU D 149 -27.10 18.97 1.95
CA LEU D 149 -26.48 17.79 2.54
C LEU D 149 -26.76 16.61 1.61
N VAL D 150 -25.70 16.00 1.11
CA VAL D 150 -25.87 14.85 0.22
C VAL D 150 -25.49 13.59 0.98
N LYS D 151 -26.49 12.78 1.31
CA LYS D 151 -26.34 11.80 2.35
C LYS D 151 -26.57 10.35 1.93
N ASP D 152 -25.61 9.49 2.29
CA ASP D 152 -25.76 8.02 2.18
C ASP D 152 -25.74 7.53 0.74
N TYR D 153 -24.60 7.66 0.08
CA TYR D 153 -24.45 7.20 -1.29
C TYR D 153 -23.24 6.30 -1.41
N PHE D 154 -23.24 5.44 -2.43
CA PHE D 154 -22.10 4.56 -2.73
C PHE D 154 -22.19 4.16 -4.18
N PRO D 155 -21.07 4.20 -4.92
CA PRO D 155 -19.76 4.69 -4.46
C PRO D 155 -19.60 6.18 -4.75
N GLU D 156 -18.36 6.65 -4.72
CA GLU D 156 -18.05 8.00 -5.21
C GLU D 156 -18.07 7.98 -6.75
N PRO D 157 -18.12 9.16 -7.39
CA PRO D 157 -18.27 10.48 -6.79
C PRO D 157 -19.70 11.02 -6.87
N VAL D 158 -19.88 12.18 -6.24
CA VAL D 158 -21.08 12.98 -6.41
C VAL D 158 -20.61 14.34 -6.91
N THR D 159 -21.19 14.85 -7.99
CA THR D 159 -20.95 16.25 -8.35
C THR D 159 -22.05 17.12 -7.75
N VAL D 160 -21.68 18.33 -7.35
CA VAL D 160 -22.65 19.30 -6.85
C VAL D 160 -22.37 20.65 -7.50
N SER D 161 -23.38 21.18 -8.20
CA SER D 161 -23.30 22.60 -8.60
C SER D 161 -24.42 23.43 -7.96
N TRP D 162 -24.32 24.76 -8.09
CA TRP D 162 -25.33 25.69 -7.62
C TRP D 162 -25.89 26.51 -8.78
N ASN D 163 -27.20 26.43 -8.98
CA ASN D 163 -27.93 27.08 -10.09
C ASN D 163 -27.42 26.74 -11.49
N SER D 164 -27.32 25.44 -11.75
CA SER D 164 -26.87 24.89 -13.02
C SER D 164 -25.49 25.42 -13.41
N GLY D 165 -24.72 25.79 -12.39
CA GLY D 165 -23.34 26.23 -12.58
C GLY D 165 -23.19 27.74 -12.72
N ALA D 166 -24.28 28.48 -12.51
CA ALA D 166 -24.25 29.96 -12.60
C ALA D 166 -23.81 30.63 -11.31
N LEU D 167 -23.93 29.91 -10.19
CA LEU D 167 -23.46 30.39 -8.89
C LEU D 167 -22.15 29.70 -8.54
N THR D 168 -21.06 30.46 -8.48
CA THR D 168 -19.76 29.91 -8.12
C THR D 168 -19.05 30.63 -6.98
N SER D 169 -19.31 31.93 -6.81
CA SER D 169 -18.68 32.71 -5.74
C SER D 169 -19.12 32.24 -4.37
N GLY D 170 -18.15 32.03 -3.48
CA GLY D 170 -18.43 31.62 -2.12
C GLY D 170 -18.95 30.21 -1.97
N VAL D 171 -18.76 29.37 -3.00
CA VAL D 171 -19.25 28.01 -2.99
C VAL D 171 -18.20 27.09 -2.42
N HIS D 172 -18.58 26.30 -1.42
CA HIS D 172 -17.68 25.29 -0.89
C HIS D 172 -18.29 23.93 -0.90
N THR D 173 -17.66 23.02 -1.63
CA THR D 173 -18.07 21.63 -1.70
C THR D 173 -17.00 20.80 -1.02
N PHE D 174 -17.40 20.12 0.05
CA PHE D 174 -16.46 19.41 0.92
C PHE D 174 -16.14 18.00 0.47
N PRO D 175 -14.93 17.51 0.80
CA PRO D 175 -14.69 16.10 0.58
C PRO D 175 -15.74 15.22 1.24
N ALA D 176 -16.14 14.17 0.55
CA ALA D 176 -17.05 13.21 1.13
C ALA D 176 -16.38 12.61 2.35
N VAL D 177 -17.23 12.08 3.21
CA VAL D 177 -16.87 11.55 4.49
C VAL D 177 -17.38 10.10 4.50
N LEU D 178 -16.50 9.15 4.83
CA LEU D 178 -16.92 7.75 4.88
C LEU D 178 -17.55 7.43 6.24
N GLN D 179 -18.86 7.15 6.25
CA GLN D 179 -19.56 6.81 7.48
C GLN D 179 -19.35 5.33 7.84
N SER D 180 -19.77 4.95 9.05
CA SER D 180 -19.49 3.61 9.58
C SER D 180 -20.27 2.52 8.85
N SER D 181 -21.47 2.89 8.35
CA SER D 181 -22.30 2.01 7.53
C SER D 181 -21.73 1.69 6.14
N GLY D 182 -20.59 2.30 5.80
CA GLY D 182 -19.97 2.14 4.50
C GLY D 182 -20.47 3.14 3.45
N LEU D 183 -21.53 3.89 3.81
CA LEU D 183 -22.11 4.90 2.93
C LEU D 183 -21.45 6.26 3.14
N TYR D 184 -21.21 6.98 2.05
CA TYR D 184 -20.59 8.30 2.10
C TYR D 184 -21.58 9.40 2.41
N SER D 185 -21.05 10.57 2.78
CA SER D 185 -21.87 11.78 2.95
C SER D 185 -21.01 13.03 2.64
N LEU D 186 -21.65 14.03 2.04
CA LEU D 186 -20.98 15.31 1.79
C LEU D 186 -21.94 16.49 1.80
N SER D 187 -21.37 17.67 1.89
CA SER D 187 -22.13 18.89 1.92
C SER D 187 -21.58 19.85 0.91
N SER D 188 -22.46 20.70 0.39
CA SER D 188 -22.06 21.82 -0.44
C SER D 188 -22.73 23.04 0.17
N VAL D 189 -21.96 24.09 0.35
CA VAL D 189 -22.46 25.28 1.03
C VAL D 189 -22.10 26.49 0.17
N VAL D 190 -22.89 27.55 0.32
CA VAL D 190 -22.59 28.82 -0.31
C VAL D 190 -22.94 29.97 0.65
N THR D 191 -22.08 30.98 0.73
CA THR D 191 -22.41 32.21 1.47
C THR D 191 -22.91 33.21 0.47
N VAL D 192 -24.01 33.89 0.82
CA VAL D 192 -24.65 34.86 -0.05
C VAL D 192 -25.04 36.09 0.80
N PRO D 193 -25.33 37.24 0.16
CA PRO D 193 -25.99 38.36 0.86
C PRO D 193 -27.33 37.98 1.48
N SER D 194 -27.58 38.42 2.71
CA SER D 194 -28.87 38.21 3.39
C SER D 194 -30.06 38.84 2.65
N SER D 195 -29.84 39.95 1.98
CA SER D 195 -30.93 40.62 1.27
C SER D 195 -31.52 39.77 0.14
N SER D 196 -30.75 38.76 -0.28
CA SER D 196 -31.11 37.90 -1.41
C SER D 196 -31.97 36.72 -1.00
N LEU D 197 -32.30 36.62 0.28
CA LEU D 197 -32.95 35.43 0.81
C LEU D 197 -34.41 35.23 0.40
N GLY D 198 -35.17 36.29 0.28
CA GLY D 198 -36.54 36.14 -0.22
C GLY D 198 -36.67 36.28 -1.72
N THR D 199 -35.60 36.72 -2.38
CA THR D 199 -35.69 37.19 -3.76
C THR D 199 -34.93 36.33 -4.78
N GLN D 200 -33.72 35.90 -4.44
CA GLN D 200 -32.96 35.01 -5.29
C GLN D 200 -33.31 33.57 -4.93
N THR D 201 -33.58 32.73 -5.94
CA THR D 201 -33.80 31.32 -5.65
C THR D 201 -32.49 30.55 -5.76
N TYR D 202 -32.29 29.57 -4.89
CA TYR D 202 -31.05 28.81 -4.82
C TYR D 202 -31.40 27.35 -5.01
N ILE D 203 -30.85 26.77 -6.06
CA ILE D 203 -31.04 25.38 -6.37
C ILE D 203 -29.67 24.72 -6.30
N CYS D 204 -29.58 23.61 -5.58
CA CYS D 204 -28.38 22.77 -5.69
C CYS D 204 -28.66 21.64 -6.67
N ASN D 205 -27.71 21.41 -7.59
CA ASN D 205 -27.81 20.36 -8.60
C ASN D 205 -26.87 19.24 -8.23
N VAL D 206 -27.43 18.12 -7.80
CA VAL D 206 -26.67 16.96 -7.37
C VAL D 206 -26.74 15.88 -8.44
N ASN D 207 -25.58 15.32 -8.77
CA ASN D 207 -25.54 14.20 -9.69
C ASN D 207 -24.70 13.08 -9.09
N HIS D 208 -25.28 11.89 -9.06
CA HIS D 208 -24.58 10.68 -8.67
C HIS D 208 -24.84 9.67 -9.78
N LYS D 209 -23.91 9.60 -10.71
CA LYS D 209 -24.03 8.80 -11.93
C LYS D 209 -24.20 7.29 -11.69
N PRO D 210 -23.42 6.68 -10.78
CA PRO D 210 -23.65 5.22 -10.64
C PRO D 210 -25.07 4.78 -10.21
N SER D 211 -25.85 5.68 -9.61
CA SER D 211 -27.21 5.32 -9.24
C SER D 211 -28.22 5.98 -10.17
N ASN D 212 -27.69 6.64 -11.21
CA ASN D 212 -28.49 7.49 -12.08
C ASN D 212 -29.37 8.42 -11.26
N THR D 213 -28.79 9.07 -10.25
CA THR D 213 -29.52 10.01 -9.43
C THR D 213 -29.14 11.43 -9.81
N LYS D 214 -30.14 12.19 -10.24
CA LYS D 214 -29.98 13.60 -10.57
C LYS D 214 -31.08 14.40 -9.86
N VAL D 215 -30.67 15.21 -8.89
CA VAL D 215 -31.61 15.93 -8.04
C VAL D 215 -31.35 17.43 -8.13
N ASP D 216 -32.41 18.19 -8.33
CA ASP D 216 -32.35 19.64 -8.20
C ASP D 216 -33.16 20.08 -6.97
N LYS D 217 -32.51 20.72 -6.01
CA LYS D 217 -33.15 20.97 -4.73
C LYS D 217 -33.18 22.45 -4.44
N LYS D 218 -34.39 22.99 -4.31
CA LYS D 218 -34.55 24.38 -3.87
C LYS D 218 -34.29 24.49 -2.38
N VAL D 219 -33.27 25.26 -2.00
CA VAL D 219 -32.98 25.55 -0.59
C VAL D 219 -33.63 26.88 -0.17
N GLU D 220 -34.49 26.82 0.83
CA GLU D 220 -35.36 27.95 1.22
C GLU D 220 -35.16 28.45 2.68
N PRO D 221 -35.25 29.78 2.91
CA PRO D 221 -35.26 30.39 4.26
C PRO D 221 -36.02 29.63 5.36
#